data_7TAN
#
_entry.id   7TAN
#
_cell.length_a   1.00
_cell.length_b   1.00
_cell.length_c   1.00
_cell.angle_alpha   90.00
_cell.angle_beta   90.00
_cell.angle_gamma   90.00
#
_symmetry.space_group_name_H-M   'P 1'
#
loop_
_entity.id
_entity.type
_entity.pdbx_description
1 polymer 'Histone H3.2'
2 polymer 'Histone H4'
3 polymer 'Histone H2A type 1'
4 polymer 'Histone H2B type 1-C/E/F/G/I'
5 polymer 'WIDOM 601 DNA (185-MER)'
6 polymer 'WIDOM 601 DNA (185-MER)'
7 polymer 'Serine/threonine-protein kinase VRK1'
#
loop_
_entity_poly.entity_id
_entity_poly.type
_entity_poly.pdbx_seq_one_letter_code
_entity_poly.pdbx_strand_id
1 'polypeptide(L)'
;ARTKQTARKSTGGKAPRKQLATKAARKSAPATGGVKKPHRYRPGTVALREIRRYQKSTELLIRKLPFQRLVREIAQDFKT
DLRFQSSAVMALQEASEAYLVGLFEDTNLCAIHAKRVTIMPKDIQLARRIRGERA
;
A,E
2 'polypeptide(L)'
;MSGRGKGGKGLGKGGAKRHRKVLRDNIQGITKPAIRRLARRGGVKRISGLIYEETRGVLKVFLENVIRDAVTYTEHAKRK
TVTAMDVVYALKRQGRTLYGFGG
;
B,F
3 'polypeptide(L)'
;SGRGKQGGKARAKAKTRSSRAGLQFPVGRVHRLLRKGNYAERVGAGAPVYLAAVLEYLTAEILELAGNAARDNKKTRIIP
RHLQLAIRNDEELNKLLGKVTIAQGGVLPNIQAVLLPKKTESHHKAKGK
;
C,G
4 'polypeptide(L)'
;PEPAKSAPAPKKGSKKAVTKAQKKDGKKRKRSRKESYSVYVYKVLKQVHPDTGISSKAMGIMNSFVNDIFERIAGEASRL
AHYNKRSTITSREIQTAVRLLLPGELAKHAVSEGTKAVTKYTSSK
;
D,H
5 'polydeoxyribonucleotide'
;(DA)(DT)(DC)(DG)(DC)(DT)(DG)(DT)(DT)(DC)(DA)(DA)(DT)(DA)(DC)(DA)(DT)(DG)(DC)(DA)
(DC)(DA)(DG)(DG)(DA)(DT)(DG)(DT)(DA)(DT)(DA)(DT)(DA)(DT)(DC)(DT)(DG)(DA)(DC)(DA)
(DC)(DG)(DT)(DG)(DC)(DC)(DT)(DG)(DG)(DA)(DG)(DA)(DC)(DT)(DA)(DG)(DG)(DG)(DA)(DG)
(DT)(DA)(DA)(DT)(DC)(DC)(DC)(DC)(DT)(DT)(DG)(DG)(DC)(DG)(DG)(DT)(DT)(DA)(DA)(DA)
(DA)(DC)(DG)(DC)(DG)(DG)(DG)(DG)(DG)(DA)(DC)(DA)(DG)(DC)(DG)(DC)(DG)(DT)(DA)(DC)
(DG)(DT)(DG)(DC)(DG)(DT)(DT)(DT)(DA)(DA)(DG)(DC)(DG)(DG)(DT)(DG)(DC)(DT)(DA)(DG)
(DA)(DG)(DC)(DT)(DG)(DT)(DC)(DT)(DA)(DC)(DG)(DA)(DC)(DC)(DA)(DA)(DT)(DT)(DG)(DA)
(DG)(DC)(DG)(DG)(DC)(DC)(DT)(DC)(DG)(DG)(DC)(DA)(DC)(DC)(DG)(DG)(DG)(DA)(DT)(DT)
(DC)(DT)(DC)(DC)(DA)(DG)(DG)(DG)(DC)(DG)(DG)(DC)(DC)(DG)(DC)(DG)(DT)(DA)(DT)(DA)
(DG)(DG)(DG)(DA)(DT)
;
I
6 'polydeoxyribonucleotide'
;(DA)(DT)(DC)(DC)(DC)(DT)(DA)(DT)(DA)(DC)(DG)(DC)(DG)(DG)(DC)(DC)(DG)(DC)(DC)(DC)
(DT)(DG)(DG)(DA)(DG)(DA)(DA)(DT)(DC)(DC)(DC)(DG)(DG)(DT)(DG)(DC)(DC)(DG)(DA)(DG)
(DG)(DC)(DC)(DG)(DC)(DT)(DC)(DA)(DA)(DT)(DT)(DG)(DG)(DT)(DC)(DG)(DT)(DA)(DG)(DA)
(DC)(DA)(DG)(DC)(DT)(DC)(DT)(DA)(DG)(DC)(DA)(DC)(DC)(DG)(DC)(DT)(DT)(DA)(DA)(DA)
(DC)(DG)(DC)(DA)(DC)(DG)(DT)(DA)(DC)(DG)(DC)(DG)(DC)(DT)(DG)(DT)(DC)(DC)(DC)(DC)
(DC)(DG)(DC)(DG)(DT)(DT)(DT)(DT)(DA)(DA)(DC)(DC)(DG)(DC)(DC)(DA)(DA)(DG)(DG)(DG)
(DG)(DA)(DT)(DT)(DA)(DC)(DT)(DC)(DC)(DC)(DT)(DA)(DG)(DT)(DC)(DT)(DC)(DC)(DA)(DG)
(DG)(DC)(DA)(DC)(DG)(DT)(DG)(DT)(DC)(DA)(DG)(DA)(DT)(DA)(DT)(DA)(DT)(DA)(DC)(DA)
(DT)(DC)(DC)(DT)(DG)(DT)(DG)(DC)(DA)(DT)(DG)(DT)(DA)(DT)(DT)(DG)(DA)(DA)(DC)(DA)
(DG)(DC)(DG)(DA)(DT)
;
J
7 'polypeptide(L)'
;GSMPRVKAAQAGRQSSAKRHLAEQFAVGEIITDMAKKEWKVGLPIGQGGFGCIYLADMNSSESVGSDAPCVVKVEPSDNG
PLFTELKFYQRAAKPEQIQKWIRTRKLKYLGVPKYWGSGLHDKNGKSYRFMIMDRFGSDLQKIYEANAKRFSRKTVLQLS
LRILDILEYIHEHEYVHGDIKASNLLLNYKNPDQVYLVDYGLAYRYCPEGVHKEYKEDPKRCHDGTIEFTSIDAHNGVAP
SRRGDLEILGYCMIQWLTGHLPWEDNLKDPKYVRDSKIRYRENIASLMDKCFPEKNKPGEIAKYMETVKLLDYTEKPLYE
NLRDILLQGLKAIGSKDDGKLDLSVVENGGLKAKTITKKRKKEIEESKEPGVEDTEWSNTQTEEAIQTRSRTRKRVQK
;
K,L
#
# COMPACT_ATOMS: atom_id res chain seq x y z
N LYS A 37 -5.68 -46.73 37.81
CA LYS A 37 -5.97 -45.34 37.52
C LYS A 37 -5.94 -45.09 36.01
N PRO A 38 -6.96 -44.43 35.49
CA PRO A 38 -7.00 -44.14 34.05
C PRO A 38 -5.83 -43.28 33.62
N HIS A 39 -5.35 -43.52 32.41
CA HIS A 39 -4.23 -42.77 31.86
C HIS A 39 -4.69 -41.37 31.46
N ARG A 40 -4.04 -40.35 32.01
CA ARG A 40 -4.37 -38.97 31.74
C ARG A 40 -3.11 -38.19 31.44
N TYR A 41 -3.11 -37.45 30.33
CA TYR A 41 -1.99 -36.61 29.97
C TYR A 41 -2.01 -35.33 30.80
N ARG A 42 -0.82 -34.82 31.09
CA ARG A 42 -0.70 -33.60 31.87
C ARG A 42 -1.17 -32.40 31.04
N PRO A 43 -1.69 -31.36 31.68
CA PRO A 43 -2.19 -30.20 30.93
C PRO A 43 -1.11 -29.56 30.08
N GLY A 44 -1.51 -29.12 28.89
CA GLY A 44 -0.59 -28.51 27.95
C GLY A 44 0.15 -29.46 27.05
N THR A 45 -0.12 -30.77 27.13
CA THR A 45 0.54 -31.74 26.27
C THR A 45 -0.24 -31.98 24.98
N VAL A 46 -1.57 -32.08 25.07
CA VAL A 46 -2.38 -32.26 23.87
C VAL A 46 -2.37 -30.99 23.02
N ALA A 47 -2.14 -29.83 23.64
CA ALA A 47 -2.12 -28.59 22.88
C ALA A 47 -0.97 -28.57 21.88
N LEU A 48 0.21 -29.02 22.28
CA LEU A 48 1.35 -29.07 21.36
C LEU A 48 1.09 -30.04 20.22
N ARG A 49 0.49 -31.19 20.52
CA ARG A 49 0.14 -32.14 19.47
C ARG A 49 -0.86 -31.54 18.49
N GLU A 50 -1.85 -30.80 19.00
CA GLU A 50 -2.80 -30.13 18.12
C GLU A 50 -2.10 -29.09 17.25
N ILE A 51 -1.17 -28.33 17.82
CA ILE A 51 -0.45 -27.33 17.04
C ILE A 51 0.33 -28.00 15.92
N ARG A 52 1.04 -29.08 16.24
CA ARG A 52 1.83 -29.78 15.22
C ARG A 52 0.94 -30.39 14.15
N ARG A 53 -0.24 -30.87 14.53
CA ARG A 53 -1.14 -31.47 13.55
C ARG A 53 -1.73 -30.41 12.62
N TYR A 54 -2.15 -29.27 13.18
CA TYR A 54 -2.82 -28.26 12.37
C TYR A 54 -1.87 -27.37 11.60
N GLN A 55 -0.58 -27.37 11.95
CA GLN A 55 0.40 -26.63 11.15
C GLN A 55 0.94 -27.45 10.00
N LYS A 56 0.45 -28.67 9.80
CA LYS A 56 0.91 -29.54 8.72
C LYS A 56 -0.12 -29.76 7.63
N SER A 57 -1.38 -29.46 7.88
CA SER A 57 -2.46 -29.68 6.91
C SER A 57 -2.78 -28.38 6.19
N THR A 58 -3.71 -28.46 5.23
CA THR A 58 -4.07 -27.30 4.41
C THR A 58 -5.57 -27.10 4.24
N GLU A 59 -6.41 -27.88 4.94
CA GLU A 59 -7.84 -27.78 4.74
C GLU A 59 -8.42 -26.58 5.50
N LEU A 60 -9.67 -26.25 5.17
CA LEU A 60 -10.38 -25.18 5.86
C LEU A 60 -10.86 -25.64 7.22
N LEU A 61 -10.98 -24.69 8.15
CA LEU A 61 -11.28 -25.00 9.55
C LEU A 61 -12.62 -24.44 10.02
N ILE A 62 -13.51 -24.09 9.10
CA ILE A 62 -14.83 -23.56 9.43
C ILE A 62 -15.87 -24.28 8.59
N ARG A 63 -17.00 -24.61 9.21
CA ARG A 63 -18.10 -25.23 8.48
C ARG A 63 -18.60 -24.30 7.38
N LYS A 64 -19.01 -24.90 6.26
CA LYS A 64 -19.33 -24.13 5.07
C LYS A 64 -20.74 -23.54 5.11
N LEU A 65 -21.72 -24.31 5.56
CA LEU A 65 -23.09 -23.81 5.59
C LEU A 65 -23.28 -22.62 6.51
N PRO A 66 -22.81 -22.64 7.77
CA PRO A 66 -22.94 -21.43 8.60
C PRO A 66 -22.26 -20.21 8.00
N PHE A 67 -21.08 -20.39 7.39
CA PHE A 67 -20.38 -19.27 6.78
C PHE A 67 -21.17 -18.70 5.62
N GLN A 68 -21.74 -19.58 4.78
CA GLN A 68 -22.56 -19.10 3.66
C GLN A 68 -23.78 -18.33 4.16
N ARG A 69 -24.44 -18.84 5.20
CA ARG A 69 -25.58 -18.12 5.76
C ARG A 69 -25.18 -16.76 6.29
N LEU A 70 -24.04 -16.69 6.99
CA LEU A 70 -23.58 -15.40 7.50
C LEU A 70 -23.27 -14.42 6.39
N VAL A 71 -22.64 -14.90 5.32
CA VAL A 71 -22.31 -14.01 4.19
C VAL A 71 -23.59 -13.47 3.57
N ARG A 72 -24.59 -14.34 3.36
CA ARG A 72 -25.84 -13.88 2.78
C ARG A 72 -26.54 -12.87 3.69
N GLU A 73 -26.56 -13.12 4.99
CA GLU A 73 -27.16 -12.17 5.92
C GLU A 73 -26.47 -10.82 5.85
N ILE A 74 -25.14 -10.80 5.84
CA ILE A 74 -24.42 -9.53 5.80
C ILE A 74 -24.71 -8.79 4.50
N ALA A 75 -24.69 -9.51 3.37
CA ALA A 75 -24.94 -8.87 2.09
C ALA A 75 -26.39 -8.42 1.92
N GLN A 76 -27.31 -8.92 2.75
CA GLN A 76 -28.71 -8.52 2.64
C GLN A 76 -28.90 -7.01 2.72
N ASP A 77 -28.09 -6.32 3.53
CA ASP A 77 -28.34 -4.91 3.79
C ASP A 77 -28.05 -4.04 2.56
N PHE A 78 -26.90 -4.26 1.92
CA PHE A 78 -26.49 -3.38 0.82
C PHE A 78 -27.41 -3.51 -0.38
N LYS A 79 -27.86 -4.73 -0.69
CA LYS A 79 -28.79 -4.95 -1.77
C LYS A 79 -29.64 -6.17 -1.45
N THR A 80 -30.81 -6.23 -2.07
CA THR A 80 -31.74 -7.33 -1.86
C THR A 80 -31.89 -8.15 -3.13
N ASP A 81 -32.23 -9.43 -2.95
CA ASP A 81 -32.39 -10.38 -4.05
C ASP A 81 -31.08 -10.52 -4.84
N LEU A 82 -30.02 -10.88 -4.11
CA LEU A 82 -28.72 -11.12 -4.69
C LEU A 82 -28.44 -12.60 -4.80
N ARG A 83 -27.61 -12.96 -5.78
CA ARG A 83 -27.20 -14.34 -6.00
C ARG A 83 -25.68 -14.42 -5.95
N PHE A 84 -25.18 -15.54 -5.43
CA PHE A 84 -23.76 -15.76 -5.27
C PHE A 84 -23.33 -17.01 -6.02
N GLN A 85 -22.18 -16.94 -6.69
CA GLN A 85 -21.53 -18.15 -7.17
C GLN A 85 -20.83 -18.85 -6.02
N SER A 86 -20.58 -20.15 -6.20
CA SER A 86 -19.89 -20.91 -5.16
C SER A 86 -18.44 -20.45 -5.00
N SER A 87 -17.79 -20.10 -6.12
CA SER A 87 -16.40 -19.67 -6.05
C SER A 87 -16.23 -18.36 -5.29
N ALA A 88 -17.23 -17.49 -5.33
CA ALA A 88 -17.16 -16.25 -4.55
C ALA A 88 -17.12 -16.55 -3.05
N VAL A 89 -17.98 -17.45 -2.60
CA VAL A 89 -17.99 -17.82 -1.18
C VAL A 89 -16.68 -18.52 -0.81
N MET A 90 -16.16 -19.35 -1.70
CA MET A 90 -14.87 -20.01 -1.42
C MET A 90 -13.76 -18.97 -1.27
N ALA A 91 -13.71 -17.98 -2.14
CA ALA A 91 -12.70 -16.94 -2.05
C ALA A 91 -12.82 -16.16 -0.74
N LEU A 92 -14.05 -15.81 -0.36
CA LEU A 92 -14.24 -15.09 0.89
C LEU A 92 -13.77 -15.91 2.08
N GLN A 93 -14.07 -17.22 2.08
CA GLN A 93 -13.64 -18.07 3.18
C GLN A 93 -12.12 -18.14 3.27
N GLU A 94 -11.44 -18.30 2.13
CA GLU A 94 -9.98 -18.38 2.16
C GLU A 94 -9.37 -17.09 2.69
N ALA A 95 -9.87 -15.94 2.23
CA ALA A 95 -9.34 -14.67 2.70
C ALA A 95 -9.54 -14.49 4.19
N SER A 96 -10.73 -14.83 4.69
CA SER A 96 -10.99 -14.69 6.12
C SER A 96 -10.10 -15.59 6.95
N GLU A 97 -9.89 -16.84 6.50
CA GLU A 97 -9.00 -17.75 7.21
C GLU A 97 -7.60 -17.17 7.33
N ALA A 98 -7.06 -16.69 6.21
CA ALA A 98 -5.70 -16.14 6.23
C ALA A 98 -5.60 -14.94 7.17
N TYR A 99 -6.58 -14.03 7.11
CA TYR A 99 -6.56 -12.85 7.96
C TYR A 99 -6.56 -13.22 9.43
N LEU A 100 -7.44 -14.15 9.82
CA LEU A 100 -7.54 -14.53 11.22
C LEU A 100 -6.26 -15.21 11.70
N VAL A 101 -5.65 -16.05 10.87
CA VAL A 101 -4.41 -16.73 11.27
C VAL A 101 -3.30 -15.71 11.51
N GLY A 102 -3.15 -14.75 10.60
CA GLY A 102 -2.12 -13.73 10.79
C GLY A 102 -2.34 -12.90 12.05
N LEU A 103 -3.60 -12.51 12.29
CA LEU A 103 -3.91 -11.74 13.49
C LEU A 103 -3.57 -12.53 14.75
N PHE A 104 -3.83 -13.84 14.74
CA PHE A 104 -3.54 -14.65 15.93
C PHE A 104 -2.03 -14.77 16.15
N GLU A 105 -1.24 -14.85 15.07
CA GLU A 105 0.21 -14.85 15.24
C GLU A 105 0.70 -13.57 15.91
N ASP A 106 0.22 -12.43 15.44
CA ASP A 106 0.63 -11.16 16.05
C ASP A 106 0.18 -11.09 17.51
N THR A 107 -1.03 -11.57 17.80
CA THR A 107 -1.53 -11.57 19.18
C THR A 107 -0.65 -12.42 20.08
N ASN A 108 -0.22 -13.58 19.60
CA ASN A 108 0.66 -14.44 20.40
C ASN A 108 1.98 -13.74 20.69
N LEU A 109 2.53 -13.05 19.70
CA LEU A 109 3.76 -12.29 19.96
C LEU A 109 3.56 -11.23 21.04
N CYS A 110 2.44 -10.50 20.96
CA CYS A 110 2.17 -9.47 21.96
C CYS A 110 2.01 -10.10 23.35
N ALA A 111 1.34 -11.24 23.44
CA ALA A 111 1.15 -11.88 24.74
C ALA A 111 2.47 -12.35 25.33
N ILE A 112 3.35 -12.92 24.51
CA ILE A 112 4.65 -13.36 24.99
C ILE A 112 5.49 -12.19 25.47
N HIS A 113 5.36 -11.03 24.79
CA HIS A 113 6.15 -9.86 25.18
C HIS A 113 5.93 -9.45 26.63
N ALA A 114 4.76 -9.76 27.20
CA ALA A 114 4.41 -9.32 28.55
C ALA A 114 4.54 -10.43 29.59
N LYS A 115 5.35 -11.46 29.30
CA LYS A 115 5.60 -12.56 30.24
C LYS A 115 4.32 -13.32 30.59
N ARG A 116 3.71 -13.89 29.56
CA ARG A 116 2.51 -14.70 29.71
C ARG A 116 2.55 -15.83 28.69
N VAL A 117 1.54 -16.70 28.75
CA VAL A 117 1.35 -17.72 27.72
C VAL A 117 -0.10 -17.68 27.26
N THR A 118 -0.95 -17.01 28.04
CA THR A 118 -2.37 -16.89 27.72
C THR A 118 -2.63 -15.60 26.96
N ILE A 119 -3.43 -15.69 25.91
CA ILE A 119 -3.78 -14.52 25.12
C ILE A 119 -5.08 -13.93 25.65
N MET A 120 -5.17 -12.60 25.60
CA MET A 120 -6.26 -11.85 26.19
C MET A 120 -6.71 -10.77 25.21
N PRO A 121 -7.91 -10.22 25.39
CA PRO A 121 -8.41 -9.22 24.42
C PRO A 121 -7.50 -8.01 24.24
N LYS A 122 -6.83 -7.55 25.29
CA LYS A 122 -5.98 -6.37 25.16
C LYS A 122 -4.82 -6.62 24.20
N ASP A 123 -4.36 -7.87 24.10
CA ASP A 123 -3.33 -8.19 23.11
C ASP A 123 -3.84 -8.01 21.69
N ILE A 124 -5.07 -8.47 21.42
CA ILE A 124 -5.67 -8.25 20.11
C ILE A 124 -5.82 -6.76 19.83
N GLN A 125 -6.26 -6.00 20.83
CA GLN A 125 -6.42 -4.56 20.64
C GLN A 125 -5.10 -3.88 20.33
N LEU A 126 -4.03 -4.24 21.05
CA LEU A 126 -2.73 -3.64 20.80
C LEU A 126 -2.20 -4.00 19.42
N ALA A 127 -2.36 -5.27 19.01
CA ALA A 127 -1.90 -5.68 17.69
C ALA A 127 -2.64 -4.91 16.60
N ARG A 128 -3.96 -4.78 16.73
CA ARG A 128 -4.73 -4.09 15.72
C ARG A 128 -4.44 -2.58 15.72
N ARG A 129 -4.10 -2.02 16.88
CA ARG A 129 -3.74 -0.60 16.90
C ARG A 129 -2.40 -0.35 16.24
N ILE A 130 -1.40 -1.20 16.52
CA ILE A 130 -0.09 -1.00 15.92
C ILE A 130 -0.12 -1.26 14.42
N ARG A 131 -0.87 -2.28 13.99
CA ARG A 131 -0.95 -2.58 12.56
C ARG A 131 -1.62 -1.48 11.76
N GLY A 132 -2.31 -0.54 12.41
CA GLY A 132 -2.94 0.55 11.72
C GLY A 132 -4.41 0.39 11.41
N GLU A 133 -5.07 -0.63 11.95
CA GLU A 133 -6.47 -0.88 11.67
C GLU A 133 -7.41 -0.13 12.59
N ARG A 134 -6.88 0.70 13.49
CA ARG A 134 -7.73 1.48 14.39
C ARG A 134 -7.03 2.76 14.85
N VAL B 22 -36.56 -13.91 6.44
CA VAL B 22 -35.21 -13.35 6.45
C VAL B 22 -34.29 -14.19 7.31
N LEU B 23 -33.09 -13.68 7.57
CA LEU B 23 -32.09 -14.36 8.37
C LEU B 23 -31.65 -13.46 9.53
N ARG B 24 -31.29 -14.09 10.64
CA ARG B 24 -30.88 -13.36 11.83
C ARG B 24 -29.81 -14.14 12.57
N ASP B 25 -29.04 -13.40 13.38
CA ASP B 25 -28.04 -13.87 14.34
C ASP B 25 -27.33 -15.15 13.92
N ASN B 26 -26.79 -15.16 12.69
CA ASN B 26 -25.96 -16.27 12.23
C ASN B 26 -24.50 -16.12 12.61
N ILE B 27 -24.13 -15.04 13.31
CA ILE B 27 -22.76 -14.88 13.76
C ILE B 27 -22.40 -15.92 14.81
N GLN B 28 -23.40 -16.54 15.45
CA GLN B 28 -23.14 -17.61 16.40
C GLN B 28 -22.81 -18.93 15.72
N GLY B 29 -22.91 -19.00 14.39
CA GLY B 29 -22.50 -20.19 13.67
C GLY B 29 -21.01 -20.42 13.66
N ILE B 30 -20.22 -19.39 13.97
CA ILE B 30 -18.77 -19.53 14.12
C ILE B 30 -18.51 -20.05 15.52
N THR B 31 -18.49 -21.36 15.68
CA THR B 31 -18.48 -21.98 16.99
C THR B 31 -17.11 -21.81 17.66
N LYS B 32 -17.09 -22.06 18.96
CA LYS B 32 -15.85 -22.00 19.72
C LYS B 32 -14.78 -22.98 19.24
N PRO B 33 -15.09 -24.24 18.93
CA PRO B 33 -14.03 -25.13 18.42
C PRO B 33 -13.36 -24.64 17.16
N ALA B 34 -14.08 -23.97 16.26
CA ALA B 34 -13.45 -23.43 15.06
C ALA B 34 -12.43 -22.36 15.40
N ILE B 35 -12.77 -21.47 16.35
CA ILE B 35 -11.82 -20.45 16.77
C ILE B 35 -10.61 -21.10 17.45
N ARG B 36 -10.85 -22.16 18.21
CA ARG B 36 -9.73 -22.88 18.82
C ARG B 36 -8.81 -23.48 17.77
N ARG B 37 -9.38 -24.07 16.71
CA ARG B 37 -8.55 -24.63 15.64
C ARG B 37 -7.75 -23.55 14.93
N LEU B 38 -8.37 -22.40 14.68
CA LEU B 38 -7.64 -21.30 14.07
C LEU B 38 -6.49 -20.82 14.96
N ALA B 39 -6.74 -20.72 16.26
CA ALA B 39 -5.68 -20.33 17.18
C ALA B 39 -4.56 -21.37 17.20
N ARG B 40 -4.91 -22.65 17.14
CA ARG B 40 -3.91 -23.70 17.11
C ARG B 40 -3.04 -23.60 15.87
N ARG B 41 -3.65 -23.36 14.71
CA ARG B 41 -2.84 -23.15 13.50
C ARG B 41 -1.98 -21.90 13.62
N GLY B 42 -2.46 -20.89 14.35
CA GLY B 42 -1.67 -19.69 14.53
C GLY B 42 -0.51 -19.83 15.49
N GLY B 43 -0.42 -20.94 16.21
CA GLY B 43 0.67 -21.17 17.13
C GLY B 43 0.39 -20.89 18.59
N VAL B 44 -0.87 -20.72 18.97
CA VAL B 44 -1.25 -20.35 20.32
C VAL B 44 -1.39 -21.61 21.17
N LYS B 45 -0.97 -21.53 22.43
CA LYS B 45 -0.96 -22.66 23.35
C LYS B 45 -2.07 -22.62 24.39
N ARG B 46 -2.43 -21.44 24.88
CA ARG B 46 -3.43 -21.31 25.94
C ARG B 46 -4.29 -20.09 25.65
N ILE B 47 -5.61 -20.26 25.80
CA ILE B 47 -6.58 -19.24 25.42
C ILE B 47 -7.49 -18.93 26.60
N SER B 48 -7.79 -17.65 26.80
CA SER B 48 -8.71 -17.24 27.86
C SER B 48 -10.15 -17.41 27.36
N GLY B 49 -11.11 -16.94 28.15
CA GLY B 49 -12.50 -17.18 27.85
C GLY B 49 -13.25 -16.04 27.19
N LEU B 50 -12.64 -14.87 27.10
CA LEU B 50 -13.27 -13.70 26.51
C LEU B 50 -12.79 -13.44 25.09
N ILE B 51 -12.02 -14.35 24.50
CA ILE B 51 -11.44 -14.12 23.19
C ILE B 51 -12.49 -14.22 22.09
N TYR B 52 -13.49 -15.10 22.25
CA TYR B 52 -14.35 -15.47 21.13
C TYR B 52 -15.19 -14.30 20.63
N GLU B 53 -15.74 -13.49 21.54
CA GLU B 53 -16.57 -12.37 21.13
C GLU B 53 -15.77 -11.34 20.33
N GLU B 54 -14.55 -11.04 20.77
CA GLU B 54 -13.69 -10.12 20.04
C GLU B 54 -13.41 -10.63 18.64
N THR B 55 -13.13 -11.93 18.51
CA THR B 55 -12.86 -12.52 17.21
C THR B 55 -14.09 -12.41 16.31
N ARG B 56 -15.28 -12.65 16.85
CA ARG B 56 -16.49 -12.54 16.05
C ARG B 56 -16.68 -11.10 15.55
N GLY B 57 -16.45 -10.12 16.43
CA GLY B 57 -16.55 -8.74 15.99
C GLY B 57 -15.57 -8.39 14.89
N VAL B 58 -14.32 -8.82 15.03
CA VAL B 58 -13.30 -8.53 14.03
C VAL B 58 -13.69 -9.14 12.68
N LEU B 59 -14.12 -10.40 12.71
CA LEU B 59 -14.51 -11.07 11.47
C LEU B 59 -15.68 -10.36 10.81
N LYS B 60 -16.66 -9.92 11.61
CA LYS B 60 -17.81 -9.22 11.05
C LYS B 60 -17.38 -7.93 10.36
N VAL B 61 -16.48 -7.16 10.98
CA VAL B 61 -16.03 -5.91 10.36
C VAL B 61 -15.33 -6.17 9.03
N PHE B 62 -14.43 -7.16 9.02
CA PHE B 62 -13.68 -7.47 7.79
C PHE B 62 -14.63 -7.88 6.68
N LEU B 63 -15.58 -8.77 7.00
CA LEU B 63 -16.53 -9.22 6.00
C LEU B 63 -17.39 -8.08 5.48
N GLU B 64 -17.80 -7.18 6.37
CA GLU B 64 -18.62 -6.04 5.95
C GLU B 64 -17.89 -5.20 4.91
N ASN B 65 -16.63 -4.87 5.18
CA ASN B 65 -15.87 -4.06 4.23
C ASN B 65 -15.76 -4.75 2.87
N VAL B 66 -15.33 -6.02 2.88
CA VAL B 66 -15.08 -6.70 1.61
C VAL B 66 -16.39 -6.84 0.82
N ILE B 67 -17.48 -7.20 1.50
CA ILE B 67 -18.74 -7.43 0.80
C ILE B 67 -19.30 -6.12 0.25
N ARG B 68 -19.13 -5.02 0.98
CA ARG B 68 -19.60 -3.74 0.46
C ARG B 68 -18.88 -3.39 -0.84
N ASP B 69 -17.55 -3.56 -0.87
CA ASP B 69 -16.82 -3.27 -2.10
C ASP B 69 -17.25 -4.19 -3.24
N ALA B 70 -17.43 -5.49 -2.95
CA ALA B 70 -17.83 -6.43 -4.00
C ALA B 70 -19.20 -6.09 -4.57
N VAL B 71 -20.14 -5.70 -3.70
CA VAL B 71 -21.48 -5.37 -4.16
C VAL B 71 -21.46 -4.11 -5.01
N THR B 72 -20.65 -3.11 -4.63
CA THR B 72 -20.52 -1.93 -5.49
C THR B 72 -19.99 -2.33 -6.87
N TYR B 73 -18.97 -3.18 -6.91
CA TYR B 73 -18.41 -3.61 -8.19
C TYR B 73 -19.44 -4.33 -9.05
N THR B 74 -20.24 -5.21 -8.44
CA THR B 74 -21.21 -5.96 -9.24
C THR B 74 -22.40 -5.09 -9.63
N GLU B 75 -22.70 -4.04 -8.86
CA GLU B 75 -23.80 -3.15 -9.21
C GLU B 75 -23.42 -2.20 -10.33
N HIS B 76 -22.14 -1.83 -10.45
CA HIS B 76 -21.76 -0.94 -11.55
C HIS B 76 -22.01 -1.58 -12.92
N ALA B 77 -21.92 -2.91 -13.01
CA ALA B 77 -22.01 -3.60 -14.29
C ALA B 77 -23.44 -4.01 -14.65
N LYS B 78 -24.43 -3.64 -13.84
CA LYS B 78 -25.83 -3.98 -14.07
C LYS B 78 -26.03 -5.50 -14.11
N ARG B 79 -25.62 -6.14 -13.03
CA ARG B 79 -25.77 -7.57 -12.85
C ARG B 79 -26.46 -7.84 -11.52
N LYS B 80 -26.97 -9.06 -11.38
CA LYS B 80 -27.64 -9.47 -10.15
C LYS B 80 -26.96 -10.66 -9.49
N THR B 81 -25.78 -11.06 -9.96
CA THR B 81 -25.03 -12.17 -9.39
C THR B 81 -23.62 -11.69 -9.06
N VAL B 82 -23.16 -11.98 -7.85
CA VAL B 82 -21.81 -11.63 -7.43
C VAL B 82 -20.88 -12.76 -7.86
N THR B 83 -19.88 -12.43 -8.68
CA THR B 83 -18.95 -13.41 -9.20
C THR B 83 -17.67 -13.43 -8.37
N ALA B 84 -16.74 -14.29 -8.76
CA ALA B 84 -15.47 -14.39 -8.04
C ALA B 84 -14.52 -13.25 -8.39
N MET B 85 -14.61 -12.72 -9.62
CA MET B 85 -13.73 -11.63 -10.00
C MET B 85 -14.03 -10.36 -9.21
N ASP B 86 -15.30 -10.13 -8.86
CA ASP B 86 -15.63 -8.99 -8.02
C ASP B 86 -14.98 -9.09 -6.66
N VAL B 87 -15.00 -10.28 -6.06
CA VAL B 87 -14.35 -10.48 -4.76
C VAL B 87 -12.85 -10.31 -4.90
N VAL B 88 -12.27 -10.82 -5.99
CA VAL B 88 -10.83 -10.69 -6.20
C VAL B 88 -10.43 -9.23 -6.31
N TYR B 89 -11.20 -8.44 -7.07
CA TYR B 89 -10.91 -7.01 -7.18
C TYR B 89 -11.09 -6.29 -5.85
N ALA B 90 -12.15 -6.61 -5.12
CA ALA B 90 -12.37 -5.98 -3.83
C ALA B 90 -11.24 -6.27 -2.85
N LEU B 91 -10.70 -7.50 -2.90
CA LEU B 91 -9.57 -7.83 -2.04
C LEU B 91 -8.30 -7.14 -2.50
N LYS B 92 -8.02 -7.14 -3.81
CA LYS B 92 -6.82 -6.50 -4.33
C LYS B 92 -6.83 -5.00 -4.05
N ARG B 93 -8.02 -4.40 -3.93
CA ARG B 93 -8.09 -2.98 -3.65
C ARG B 93 -7.48 -2.62 -2.30
N GLN B 94 -7.61 -3.49 -1.30
CA GLN B 94 -7.15 -3.21 0.05
C GLN B 94 -5.81 -3.87 0.36
N GLY B 95 -5.00 -4.14 -0.65
CA GLY B 95 -3.71 -4.76 -0.44
C GLY B 95 -3.78 -6.17 0.08
N ARG B 96 -4.65 -6.99 -0.50
CA ARG B 96 -4.87 -8.37 -0.10
C ARG B 96 -4.92 -9.29 -1.32
N THR B 97 -3.92 -9.18 -2.20
CA THR B 97 -3.91 -9.95 -3.44
C THR B 97 -4.04 -11.44 -3.15
N LEU B 98 -4.90 -12.10 -3.93
CA LEU B 98 -5.22 -13.51 -3.75
C LEU B 98 -4.97 -14.26 -5.06
N TYR B 99 -4.24 -15.38 -4.96
CA TYR B 99 -3.85 -16.16 -6.12
C TYR B 99 -4.67 -17.45 -6.18
N GLY B 100 -5.13 -17.79 -7.38
CA GLY B 100 -5.75 -19.08 -7.64
C GLY B 100 -7.21 -19.04 -8.03
N PHE B 101 -7.87 -17.89 -8.02
CA PHE B 101 -9.29 -17.80 -8.36
C PHE B 101 -9.53 -17.04 -9.66
N GLY B 102 -8.49 -16.83 -10.45
CA GLY B 102 -8.63 -16.12 -11.72
C GLY B 102 -8.24 -14.66 -11.65
N ALA C 10 -22.20 34.13 -37.93
CA ALA C 10 -21.89 34.96 -36.77
C ALA C 10 -21.71 34.10 -35.52
N ARG C 11 -20.94 34.62 -34.57
CA ARG C 11 -20.68 33.92 -33.31
C ARG C 11 -21.07 34.82 -32.16
N ALA C 12 -21.82 34.28 -31.20
CA ALA C 12 -22.25 35.02 -30.03
C ALA C 12 -21.10 35.13 -29.03
N LYS C 13 -21.37 35.81 -27.92
CA LYS C 13 -20.36 35.97 -26.89
C LYS C 13 -20.01 34.63 -26.25
N ALA C 14 -18.74 34.44 -25.94
CA ALA C 14 -18.27 33.19 -25.37
C ALA C 14 -18.68 33.08 -23.90
N LYS C 15 -19.15 31.90 -23.53
CA LYS C 15 -19.51 31.60 -22.15
C LYS C 15 -18.76 30.36 -21.71
N THR C 16 -17.99 30.48 -20.62
CA THR C 16 -17.19 29.37 -20.16
C THR C 16 -18.07 28.26 -19.61
N ARG C 17 -17.58 27.03 -19.72
CA ARG C 17 -18.34 25.87 -19.27
C ARG C 17 -18.54 25.89 -17.76
N SER C 18 -17.51 26.33 -17.02
CA SER C 18 -17.63 26.43 -15.56
C SER C 18 -18.72 27.42 -15.17
N SER C 19 -18.81 28.54 -15.88
CA SER C 19 -19.89 29.48 -15.64
C SER C 19 -21.25 28.88 -15.96
N ARG C 20 -21.33 28.12 -17.06
CA ARG C 20 -22.60 27.50 -17.45
C ARG C 20 -23.04 26.46 -16.43
N ALA C 21 -22.09 25.79 -15.76
CA ALA C 21 -22.41 24.82 -14.73
C ALA C 21 -22.50 25.42 -13.34
N GLY C 22 -22.24 26.72 -13.20
CA GLY C 22 -22.29 27.35 -11.89
C GLY C 22 -21.23 26.89 -10.92
N LEU C 23 -19.98 26.77 -11.37
CA LEU C 23 -18.87 26.33 -10.54
C LEU C 23 -17.81 27.42 -10.46
N GLN C 24 -16.80 27.17 -9.63
CA GLN C 24 -15.62 28.03 -9.54
C GLN C 24 -14.37 27.41 -10.12
N PHE C 25 -14.29 26.08 -10.18
CA PHE C 25 -13.13 25.38 -10.72
C PHE C 25 -13.22 25.29 -12.24
N PRO C 26 -12.08 25.22 -12.93
CA PRO C 26 -12.12 25.15 -14.40
C PRO C 26 -12.64 23.81 -14.89
N VAL C 27 -13.22 23.85 -16.10
CA VAL C 27 -13.73 22.65 -16.75
C VAL C 27 -12.91 22.29 -17.99
N GLY C 28 -12.48 23.30 -18.74
CA GLY C 28 -11.63 23.03 -19.91
C GLY C 28 -10.29 22.44 -19.53
N ARG C 29 -9.68 22.94 -18.45
CA ARG C 29 -8.39 22.42 -18.01
C ARG C 29 -8.50 20.96 -17.57
N VAL C 30 -9.57 20.62 -16.84
CA VAL C 30 -9.76 19.25 -16.40
C VAL C 30 -9.97 18.34 -17.61
N HIS C 31 -10.74 18.79 -18.59
CA HIS C 31 -10.93 18.01 -19.80
C HIS C 31 -9.62 17.76 -20.53
N ARG C 32 -8.78 18.80 -20.64
CA ARG C 32 -7.50 18.63 -21.31
C ARG C 32 -6.60 17.66 -20.54
N LEU C 33 -6.57 17.77 -19.22
CA LEU C 33 -5.76 16.86 -18.42
C LEU C 33 -6.23 15.42 -18.58
N LEU C 34 -7.55 15.21 -18.57
CA LEU C 34 -8.10 13.87 -18.77
C LEU C 34 -7.74 13.33 -20.13
N ARG C 35 -7.80 14.17 -21.17
CA ARG C 35 -7.52 13.70 -22.52
C ARG C 35 -6.04 13.40 -22.73
N LYS C 36 -5.15 14.14 -22.08
CA LYS C 36 -3.72 13.94 -22.28
C LYS C 36 -3.06 13.10 -21.18
N GLY C 37 -3.84 12.57 -20.24
CA GLY C 37 -3.26 11.76 -19.19
C GLY C 37 -3.14 10.27 -19.45
N ASN C 38 -3.52 9.80 -20.64
CA ASN C 38 -3.48 8.37 -20.98
C ASN C 38 -4.35 7.55 -20.02
N TYR C 39 -5.65 7.87 -20.01
CA TYR C 39 -6.60 7.18 -19.15
C TYR C 39 -7.59 6.32 -19.92
N ALA C 40 -8.06 6.80 -21.08
CA ALA C 40 -8.96 6.01 -21.92
C ALA C 40 -8.84 6.53 -23.34
N GLU C 41 -9.37 5.75 -24.28
CA GLU C 41 -9.30 6.14 -25.69
C GLU C 41 -10.08 7.42 -25.95
N ARG C 42 -11.27 7.54 -25.38
CA ARG C 42 -12.12 8.71 -25.58
C ARG C 42 -12.80 9.08 -24.28
N VAL C 43 -13.07 10.37 -24.10
CA VAL C 43 -13.61 10.91 -22.87
C VAL C 43 -14.96 11.52 -23.16
N GLY C 44 -15.94 11.23 -22.30
CA GLY C 44 -17.29 11.74 -22.48
C GLY C 44 -17.40 13.25 -22.29
N ALA C 45 -18.62 13.74 -22.07
CA ALA C 45 -18.85 15.17 -21.93
C ALA C 45 -19.26 15.60 -20.53
N GLY C 46 -19.74 14.67 -19.70
CA GLY C 46 -20.17 15.03 -18.35
C GLY C 46 -19.16 14.69 -17.29
N ALA C 47 -18.05 14.03 -17.67
CA ALA C 47 -17.02 13.70 -16.68
C ALA C 47 -16.33 14.93 -16.12
N PRO C 48 -15.88 15.91 -16.92
CA PRO C 48 -15.21 17.08 -16.32
C PRO C 48 -16.06 17.85 -15.33
N VAL C 49 -17.37 17.98 -15.59
CA VAL C 49 -18.23 18.73 -14.69
C VAL C 49 -18.32 18.03 -13.35
N TYR C 50 -18.52 16.71 -13.37
CA TYR C 50 -18.59 15.93 -12.14
C TYR C 50 -17.29 16.03 -11.35
N LEU C 51 -16.16 15.87 -12.03
CA LEU C 51 -14.87 15.90 -11.34
C LEU C 51 -14.60 17.27 -10.74
N ALA C 52 -14.90 18.34 -11.48
CA ALA C 52 -14.70 19.68 -10.96
C ALA C 52 -15.57 19.95 -9.73
N ALA C 53 -16.83 19.49 -9.77
CA ALA C 53 -17.71 19.68 -8.62
C ALA C 53 -17.18 18.95 -7.40
N VAL C 54 -16.71 17.71 -7.56
CA VAL C 54 -16.18 16.96 -6.42
C VAL C 54 -14.96 17.66 -5.85
N LEU C 55 -14.04 18.10 -6.72
CA LEU C 55 -12.84 18.76 -6.24
C LEU C 55 -13.16 20.04 -5.48
N GLU C 56 -14.11 20.83 -6.01
CA GLU C 56 -14.49 22.06 -5.33
C GLU C 56 -15.10 21.78 -3.96
N TYR C 57 -15.94 20.75 -3.87
CA TYR C 57 -16.55 20.43 -2.58
C TYR C 57 -15.49 20.05 -1.55
N LEU C 58 -14.54 19.21 -1.94
CA LEU C 58 -13.50 18.79 -1.00
C LEU C 58 -12.63 19.97 -0.56
N THR C 59 -12.27 20.84 -1.52
CA THR C 59 -11.48 22.02 -1.17
C THR C 59 -12.23 22.92 -0.20
N ALA C 60 -13.54 23.09 -0.42
CA ALA C 60 -14.33 23.92 0.49
C ALA C 60 -14.35 23.34 1.90
N GLU C 61 -14.51 22.01 2.02
CA GLU C 61 -14.45 21.39 3.33
C GLU C 61 -13.15 21.68 4.05
N ILE C 62 -12.02 21.41 3.37
CA ILE C 62 -10.72 21.60 3.99
C ILE C 62 -10.53 23.05 4.42
N LEU C 63 -10.87 23.99 3.52
CA LEU C 63 -10.61 25.39 3.80
C LEU C 63 -11.48 25.91 4.95
N GLU C 64 -12.74 25.47 5.00
CA GLU C 64 -13.60 25.91 6.11
C GLU C 64 -13.06 25.43 7.45
N LEU C 65 -12.69 24.15 7.53
CA LEU C 65 -12.17 23.66 8.81
C LEU C 65 -10.87 24.36 9.20
N ALA C 66 -9.97 24.56 8.22
CA ALA C 66 -8.71 25.24 8.52
C ALA C 66 -8.95 26.67 8.96
N GLY C 67 -9.90 27.37 8.34
CA GLY C 67 -10.20 28.73 8.74
C GLY C 67 -10.75 28.82 10.15
N ASN C 68 -11.61 27.87 10.53
CA ASN C 68 -12.08 27.83 11.91
C ASN C 68 -10.93 27.62 12.87
N ALA C 69 -10.04 26.68 12.55
CA ALA C 69 -8.90 26.43 13.44
C ALA C 69 -7.99 27.66 13.56
N ALA C 70 -7.79 28.38 12.45
CA ALA C 70 -6.97 29.58 12.49
C ALA C 70 -7.62 30.68 13.32
N ARG C 71 -8.93 30.88 13.14
CA ARG C 71 -9.63 31.91 13.90
C ARG C 71 -9.73 31.56 15.38
N ASP C 72 -9.56 30.29 15.74
CA ASP C 72 -9.61 29.91 17.15
C ASP C 72 -8.61 30.71 17.98
N ASN C 73 -7.34 30.73 17.55
CA ASN C 73 -6.27 31.31 18.36
C ASN C 73 -5.85 32.69 17.88
N LYS C 74 -6.80 33.51 17.43
CA LYS C 74 -6.58 34.93 17.17
C LYS C 74 -5.52 35.15 16.09
N LYS C 75 -5.81 34.63 14.90
CA LYS C 75 -4.95 34.83 13.75
C LYS C 75 -5.80 35.13 12.52
N THR C 76 -5.21 35.84 11.56
CA THR C 76 -5.91 36.20 10.34
C THR C 76 -5.50 35.36 9.14
N ARG C 77 -4.27 34.86 9.11
CA ARG C 77 -3.78 34.05 8.00
C ARG C 77 -3.73 32.58 8.39
N ILE C 78 -3.72 31.72 7.38
CA ILE C 78 -3.69 30.27 7.56
C ILE C 78 -2.28 29.78 7.30
N ILE C 79 -1.79 28.91 8.19
CA ILE C 79 -0.46 28.34 8.08
C ILE C 79 -0.59 26.82 8.15
N PRO C 80 0.44 26.08 7.73
CA PRO C 80 0.31 24.61 7.68
C PRO C 80 -0.06 23.97 9.01
N ARG C 81 0.25 24.59 10.14
CA ARG C 81 -0.15 24.04 11.42
C ARG C 81 -1.67 23.96 11.54
N HIS C 82 -2.37 24.99 11.07
CA HIS C 82 -3.83 24.98 11.11
C HIS C 82 -4.40 23.89 10.22
N LEU C 83 -3.81 23.70 9.03
CA LEU C 83 -4.25 22.63 8.14
C LEU C 83 -4.05 21.27 8.79
N GLN C 84 -2.90 21.07 9.44
CA GLN C 84 -2.64 19.79 10.11
C GLN C 84 -3.65 19.55 11.23
N LEU C 85 -3.93 20.58 12.03
CA LEU C 85 -4.91 20.43 13.11
C LEU C 85 -6.29 20.08 12.55
N ALA C 86 -6.71 20.78 11.49
CA ALA C 86 -8.02 20.53 10.92
C ALA C 86 -8.12 19.12 10.36
N ILE C 87 -7.06 18.65 9.69
CA ILE C 87 -7.11 17.31 9.10
C ILE C 87 -7.09 16.24 10.19
N ARG C 88 -6.22 16.38 11.18
CA ARG C 88 -6.09 15.33 12.20
C ARG C 88 -7.26 15.31 13.18
N ASN C 89 -7.98 16.42 13.34
CA ASN C 89 -9.02 16.50 14.36
C ASN C 89 -10.38 15.99 13.88
N ASP C 90 -10.48 15.52 12.64
CA ASP C 90 -11.73 15.00 12.12
C ASP C 90 -11.78 13.49 12.28
N GLU C 91 -12.80 12.87 11.69
CA GLU C 91 -12.94 11.42 11.68
C GLU C 91 -12.89 10.81 10.29
N GLU C 92 -13.38 11.52 9.28
CA GLU C 92 -13.40 11.01 7.91
C GLU C 92 -12.34 11.63 7.02
N LEU C 93 -11.87 12.83 7.34
CA LEU C 93 -10.73 13.38 6.62
C LEU C 93 -9.42 12.75 7.08
N ASN C 94 -9.33 12.37 8.35
CA ASN C 94 -8.15 11.66 8.83
C ASN C 94 -8.00 10.30 8.18
N LYS C 95 -9.13 9.65 7.84
CA LYS C 95 -9.07 8.36 7.17
C LYS C 95 -8.68 8.50 5.70
N LEU C 96 -9.12 9.58 5.04
CA LEU C 96 -8.76 9.78 3.64
C LEU C 96 -7.29 10.14 3.47
N LEU C 97 -6.71 10.84 4.44
CA LEU C 97 -5.32 11.27 4.37
C LEU C 97 -4.51 10.67 5.51
N GLY C 98 -4.67 9.37 5.73
CA GLY C 98 -3.98 8.69 6.81
C GLY C 98 -2.55 8.28 6.54
N LYS C 99 -2.04 8.48 5.33
CA LYS C 99 -0.67 8.13 5.00
C LYS C 99 0.07 9.32 4.38
N VAL C 100 -0.35 10.54 4.71
CA VAL C 100 0.20 11.75 4.10
C VAL C 100 0.91 12.56 5.17
N THR C 101 2.13 13.00 4.85
CA THR C 101 2.92 13.85 5.74
C THR C 101 2.84 15.28 5.24
N ILE C 102 2.62 16.22 6.17
CA ILE C 102 2.50 17.64 5.85
C ILE C 102 3.72 18.36 6.41
N ALA C 103 4.42 19.09 5.56
CA ALA C 103 5.64 19.77 5.97
C ALA C 103 5.32 20.91 6.93
N GLN C 104 6.12 21.02 7.99
CA GLN C 104 5.95 22.02 9.03
C GLN C 104 4.57 21.92 9.67
N GLY C 105 4.17 20.70 10.01
CA GLY C 105 2.85 20.47 10.56
C GLY C 105 2.82 20.15 12.04
N GLY C 106 3.83 19.45 12.53
CA GLY C 106 3.85 19.08 13.94
C GLY C 106 2.98 17.87 14.23
N VAL C 107 2.57 17.76 15.49
CA VAL C 107 1.75 16.65 15.96
C VAL C 107 0.59 17.19 16.76
N LEU C 108 -0.31 16.29 17.16
CA LEU C 108 -1.45 16.58 18.01
C LEU C 108 -1.07 16.46 19.48
N PRO C 109 -1.34 17.47 20.30
CA PRO C 109 -0.93 17.40 21.71
C PRO C 109 -1.72 16.39 22.52
N ASN C 110 -1.05 15.32 22.97
CA ASN C 110 -1.66 14.34 23.85
C ASN C 110 -0.58 13.67 24.69
N ILE C 111 -0.95 13.28 25.91
CA ILE C 111 -0.07 12.59 26.84
C ILE C 111 -0.81 11.42 27.43
N GLN C 112 -0.14 10.28 27.54
CA GLN C 112 -0.74 9.09 28.13
C GLN C 112 -1.09 9.35 29.59
N ALA C 113 -2.21 8.77 30.05
CA ALA C 113 -2.68 9.01 31.41
C ALA C 113 -1.75 8.41 32.45
N VAL C 114 -1.11 7.29 32.15
CA VAL C 114 -0.23 6.65 33.12
C VAL C 114 0.98 7.54 33.41
N LEU C 115 1.48 8.23 32.38
CA LEU C 115 2.65 9.08 32.57
C LEU C 115 2.32 10.29 33.45
N LEU C 116 1.12 10.82 33.32
CA LEU C 116 0.74 11.98 34.11
C LEU C 116 0.71 11.63 35.59
N PRO C 117 1.17 12.53 36.47
CA PRO C 117 1.22 12.27 37.91
C PRO C 117 -0.16 12.35 38.57
N SER D 32 9.38 29.98 -19.91
CA SER D 32 8.27 29.05 -19.83
C SER D 32 7.35 29.38 -18.67
N ARG D 33 6.04 29.28 -18.90
CA ARG D 33 5.03 29.56 -17.89
C ARG D 33 4.36 28.27 -17.45
N LYS D 34 4.19 28.13 -16.15
CA LYS D 34 3.53 26.98 -15.55
C LYS D 34 2.14 27.37 -15.07
N GLU D 35 1.41 26.41 -14.51
CA GLU D 35 0.05 26.64 -14.07
C GLU D 35 -0.19 25.92 -12.75
N SER D 36 -1.15 26.43 -11.99
CA SER D 36 -1.51 25.86 -10.70
C SER D 36 -2.99 26.13 -10.44
N TYR D 37 -3.40 25.95 -9.18
CA TYR D 37 -4.79 26.16 -8.78
C TYR D 37 -4.92 27.29 -7.76
N SER D 38 -3.97 28.23 -7.75
CA SER D 38 -3.97 29.26 -6.72
C SER D 38 -5.19 30.15 -6.81
N VAL D 39 -5.54 30.59 -8.02
CA VAL D 39 -6.64 31.54 -8.18
C VAL D 39 -7.97 30.92 -7.78
N TYR D 40 -8.18 29.64 -8.14
CA TYR D 40 -9.45 28.99 -7.83
C TYR D 40 -9.57 28.68 -6.35
N VAL D 41 -8.46 28.29 -5.70
CA VAL D 41 -8.47 28.09 -4.27
C VAL D 41 -8.77 29.40 -3.54
N TYR D 42 -8.18 30.50 -4.02
CA TYR D 42 -8.46 31.81 -3.43
C TYR D 42 -9.94 32.18 -3.59
N LYS D 43 -10.48 31.94 -4.79
CA LYS D 43 -11.89 32.24 -5.02
C LYS D 43 -12.80 31.43 -4.10
N VAL D 44 -12.49 30.15 -3.92
CA VAL D 44 -13.28 29.33 -3.01
C VAL D 44 -13.16 29.82 -1.57
N LEU D 45 -11.94 30.20 -1.17
CA LEU D 45 -11.73 30.69 0.19
C LEU D 45 -12.52 31.97 0.46
N LYS D 46 -12.67 32.82 -0.55
CA LYS D 46 -13.41 34.07 -0.34
C LYS D 46 -14.92 33.88 -0.32
N GLN D 47 -15.43 32.66 -0.18
CA GLN D 47 -16.85 32.42 0.02
C GLN D 47 -17.19 31.88 1.40
N VAL D 48 -16.25 31.20 2.07
CA VAL D 48 -16.52 30.65 3.39
C VAL D 48 -15.89 31.47 4.50
N HIS D 49 -14.92 32.33 4.20
CA HIS D 49 -14.30 33.19 5.20
C HIS D 49 -13.82 34.45 4.50
N PRO D 50 -14.69 35.47 4.40
CA PRO D 50 -14.35 36.66 3.60
C PRO D 50 -13.31 37.56 4.23
N ASP D 51 -12.79 37.25 5.42
CA ASP D 51 -11.80 38.09 6.08
C ASP D 51 -10.58 37.30 6.52
N THR D 52 -10.23 36.25 5.78
CA THR D 52 -9.11 35.40 6.12
C THR D 52 -8.23 35.21 4.90
N GLY D 53 -6.91 35.33 5.11
CA GLY D 53 -5.94 35.13 4.05
C GLY D 53 -5.23 33.79 4.17
N ILE D 54 -4.21 33.64 3.35
CA ILE D 54 -3.46 32.39 3.25
C ILE D 54 -2.05 32.71 2.79
N SER D 55 -1.08 31.96 3.33
CA SER D 55 0.31 32.16 2.97
C SER D 55 0.68 31.29 1.77
N SER D 56 1.95 31.34 1.37
CA SER D 56 2.38 30.62 0.18
C SER D 56 2.54 29.12 0.44
N LYS D 57 3.06 28.75 1.61
CA LYS D 57 3.27 27.33 1.92
C LYS D 57 1.93 26.58 1.96
N ALA D 58 0.92 27.17 2.58
CA ALA D 58 -0.39 26.54 2.60
C ALA D 58 -0.96 26.40 1.20
N MET D 59 -0.70 27.38 0.33
CA MET D 59 -1.13 27.28 -1.05
C MET D 59 -0.45 26.13 -1.77
N GLY D 60 0.85 25.95 -1.55
CA GLY D 60 1.52 24.78 -2.13
C GLY D 60 0.92 23.48 -1.64
N ILE D 61 0.61 23.41 -0.34
CA ILE D 61 -0.01 22.21 0.21
C ILE D 61 -1.36 21.94 -0.46
N MET D 62 -2.16 22.98 -0.65
CA MET D 62 -3.46 22.81 -1.29
C MET D 62 -3.31 22.34 -2.74
N ASN D 63 -2.32 22.88 -3.45
CA ASN D 63 -2.05 22.42 -4.82
C ASN D 63 -1.73 20.94 -4.83
N SER D 64 -0.85 20.50 -3.93
CA SER D 64 -0.49 19.08 -3.86
C SER D 64 -1.71 18.21 -3.57
N PHE D 65 -2.56 18.66 -2.64
CA PHE D 65 -3.75 17.89 -2.28
C PHE D 65 -4.69 17.73 -3.47
N VAL D 66 -4.93 18.82 -4.20
CA VAL D 66 -5.83 18.77 -5.34
C VAL D 66 -5.29 17.81 -6.40
N ASN D 67 -3.99 17.92 -6.70
CA ASN D 67 -3.41 17.03 -7.70
C ASN D 67 -3.51 15.56 -7.28
N ASP D 68 -3.24 15.28 -6.00
CA ASP D 68 -3.29 13.91 -5.52
C ASP D 68 -4.69 13.32 -5.67
N ILE D 69 -5.71 14.07 -5.25
CA ILE D 69 -7.08 13.55 -5.35
C ILE D 69 -7.49 13.35 -6.80
N PHE D 70 -7.13 14.30 -7.67
CA PHE D 70 -7.43 14.15 -9.09
C PHE D 70 -6.84 12.86 -9.64
N GLU D 71 -5.57 12.60 -9.34
CA GLU D 71 -4.91 11.39 -9.85
C GLU D 71 -5.59 10.14 -9.34
N ARG D 72 -5.93 10.10 -8.04
CA ARG D 72 -6.60 8.92 -7.49
C ARG D 72 -7.90 8.62 -8.23
N ILE D 73 -8.77 9.63 -8.35
CA ILE D 73 -10.08 9.39 -8.96
C ILE D 73 -9.93 8.99 -10.42
N ALA D 74 -9.05 9.68 -11.16
CA ALA D 74 -8.89 9.35 -12.57
C ALA D 74 -8.37 7.93 -12.77
N GLY D 75 -7.39 7.52 -11.96
CA GLY D 75 -6.89 6.15 -12.09
C GLY D 75 -7.95 5.11 -11.80
N GLU D 76 -8.74 5.32 -10.74
CA GLU D 76 -9.79 4.35 -10.43
C GLU D 76 -10.82 4.28 -11.55
N ALA D 77 -11.21 5.44 -12.11
CA ALA D 77 -12.18 5.43 -13.20
C ALA D 77 -11.62 4.70 -14.42
N SER D 78 -10.35 4.90 -14.75
CA SER D 78 -9.75 4.21 -15.88
C SER D 78 -9.75 2.71 -15.67
N ARG D 79 -9.40 2.26 -14.47
CA ARG D 79 -9.42 0.82 -14.19
C ARG D 79 -10.84 0.26 -14.32
N LEU D 80 -11.83 0.98 -13.80
CA LEU D 80 -13.21 0.52 -13.92
C LEU D 80 -13.63 0.39 -15.38
N ALA D 81 -13.30 1.39 -16.21
CA ALA D 81 -13.64 1.31 -17.62
C ALA D 81 -12.95 0.14 -18.29
N HIS D 82 -11.72 -0.17 -17.89
CA HIS D 82 -11.00 -1.29 -18.50
C HIS D 82 -11.60 -2.63 -18.10
N TYR D 83 -12.11 -2.76 -16.86
CA TYR D 83 -12.64 -4.04 -16.41
C TYR D 83 -13.84 -4.50 -17.23
N ASN D 84 -14.64 -3.56 -17.74
CA ASN D 84 -15.92 -3.88 -18.37
C ASN D 84 -15.85 -3.89 -19.89
N LYS D 85 -14.65 -3.96 -20.46
CA LYS D 85 -14.46 -4.00 -21.91
C LYS D 85 -15.05 -2.78 -22.61
N ARG D 86 -15.04 -1.64 -21.94
CA ARG D 86 -15.44 -0.38 -22.53
C ARG D 86 -14.22 0.44 -22.93
N SER D 87 -14.44 1.48 -23.70
CA SER D 87 -13.35 2.33 -24.19
C SER D 87 -13.70 3.79 -24.05
N THR D 88 -14.44 4.15 -23.01
CA THR D 88 -14.83 5.53 -22.79
C THR D 88 -15.00 5.77 -21.29
N ILE D 89 -14.89 7.03 -20.90
CA ILE D 89 -15.06 7.45 -19.51
C ILE D 89 -16.22 8.43 -19.46
N THR D 90 -17.27 8.05 -18.74
CA THR D 90 -18.47 8.87 -18.59
C THR D 90 -18.66 9.22 -17.12
N SER D 91 -19.74 9.95 -16.83
CA SER D 91 -19.99 10.39 -15.47
C SER D 91 -20.33 9.22 -14.54
N ARG D 92 -20.77 8.09 -15.08
CA ARG D 92 -21.11 6.95 -14.24
C ARG D 92 -19.86 6.31 -13.63
N GLU D 93 -18.79 6.18 -14.42
CA GLU D 93 -17.52 5.70 -13.88
C GLU D 93 -16.98 6.65 -12.82
N ILE D 94 -17.11 7.96 -13.05
CA ILE D 94 -16.67 8.92 -12.05
C ILE D 94 -17.46 8.76 -10.75
N GLN D 95 -18.77 8.58 -10.88
CA GLN D 95 -19.61 8.40 -9.68
C GLN D 95 -19.23 7.14 -8.93
N THR D 96 -19.01 6.04 -9.65
CA THR D 96 -18.62 4.79 -8.98
C THR D 96 -17.26 4.92 -8.31
N ALA D 97 -16.31 5.58 -8.98
CA ALA D 97 -15.00 5.78 -8.38
C ALA D 97 -15.10 6.64 -7.12
N VAL D 98 -15.93 7.67 -7.15
CA VAL D 98 -16.12 8.50 -5.96
C VAL D 98 -16.72 7.66 -4.83
N ARG D 99 -17.69 6.80 -5.15
CA ARG D 99 -18.26 5.92 -4.14
C ARG D 99 -17.21 5.00 -3.55
N LEU D 100 -16.31 4.48 -4.38
CA LEU D 100 -15.29 3.55 -3.90
C LEU D 100 -14.23 4.26 -3.06
N LEU D 101 -13.87 5.49 -3.41
CA LEU D 101 -12.76 6.17 -2.74
C LEU D 101 -13.19 6.81 -1.43
N LEU D 102 -14.11 7.77 -1.50
CA LEU D 102 -14.41 8.59 -0.33
C LEU D 102 -15.17 7.80 0.72
N PRO D 103 -14.86 8.01 2.00
CA PRO D 103 -15.54 7.25 3.07
C PRO D 103 -16.74 7.96 3.68
N GLY D 104 -17.80 7.20 3.97
CA GLY D 104 -18.88 7.71 4.80
C GLY D 104 -19.70 8.79 4.14
N GLU D 105 -20.01 9.83 4.91
CA GLU D 105 -20.91 10.90 4.48
C GLU D 105 -20.31 11.78 3.40
N LEU D 106 -18.98 11.81 3.30
CA LEU D 106 -18.32 12.56 2.23
C LEU D 106 -18.78 12.04 0.86
N ALA D 107 -18.92 10.73 0.73
CA ALA D 107 -19.37 10.16 -0.54
C ALA D 107 -20.76 10.63 -0.91
N LYS D 108 -21.68 10.63 0.05
CA LYS D 108 -23.05 11.07 -0.22
C LYS D 108 -23.08 12.53 -0.65
N HIS D 109 -22.37 13.39 0.10
CA HIS D 109 -22.36 14.81 -0.24
C HIS D 109 -21.74 15.05 -1.61
N ALA D 110 -20.63 14.38 -1.91
CA ALA D 110 -19.98 14.57 -3.19
C ALA D 110 -20.85 14.09 -4.34
N VAL D 111 -21.55 12.96 -4.16
CA VAL D 111 -22.44 12.46 -5.20
C VAL D 111 -23.57 13.45 -5.46
N SER D 112 -24.17 13.99 -4.39
CA SER D 112 -25.23 14.97 -4.57
C SER D 112 -24.73 16.21 -5.31
N GLU D 113 -23.56 16.71 -4.92
CA GLU D 113 -23.02 17.90 -5.58
C GLU D 113 -22.75 17.65 -7.06
N GLY D 114 -22.14 16.50 -7.38
CA GLY D 114 -21.86 16.19 -8.77
C GLY D 114 -23.12 16.05 -9.60
N THR D 115 -24.14 15.39 -9.05
CA THR D 115 -25.39 15.24 -9.79
C THR D 115 -26.05 16.58 -10.04
N LYS D 116 -26.05 17.46 -9.02
CA LYS D 116 -26.63 18.80 -9.23
C LYS D 116 -25.88 19.55 -10.31
N ALA D 117 -24.55 19.50 -10.29
CA ALA D 117 -23.78 20.22 -11.30
C ALA D 117 -24.06 19.70 -12.69
N VAL D 118 -24.10 18.37 -12.86
CA VAL D 118 -24.33 17.80 -14.18
C VAL D 118 -25.72 18.14 -14.70
N THR D 119 -26.75 18.05 -13.84
CA THR D 119 -28.09 18.33 -14.32
C THR D 119 -28.26 19.82 -14.63
N LYS D 120 -27.62 20.70 -13.85
CA LYS D 120 -27.68 22.13 -14.19
C LYS D 120 -26.98 22.42 -15.51
N TYR D 121 -25.84 21.75 -15.75
CA TYR D 121 -25.14 21.93 -17.01
C TYR D 121 -25.97 21.44 -18.19
N THR D 122 -26.66 20.31 -18.03
CA THR D 122 -27.42 19.73 -19.12
C THR D 122 -28.68 20.54 -19.41
N SER D 123 -29.31 21.10 -18.36
CA SER D 123 -30.61 21.75 -18.53
C SER D 123 -30.52 22.93 -19.50
N SER D 124 -29.48 23.75 -19.37
CA SER D 124 -29.31 24.90 -20.25
C SER D 124 -28.43 24.56 -21.44
N PRO E 38 18.97 25.53 47.10
CA PRO E 38 18.64 24.89 45.82
C PRO E 38 17.16 24.54 45.70
N HIS E 39 16.67 24.46 44.47
CA HIS E 39 15.28 24.14 44.16
C HIS E 39 15.22 22.97 43.19
N ARG E 40 15.96 21.91 43.50
CA ARG E 40 15.99 20.74 42.63
C ARG E 40 14.61 20.12 42.52
N TYR E 41 14.04 20.15 41.31
CA TYR E 41 12.74 19.54 41.08
C TYR E 41 12.83 18.02 41.22
N ARG E 42 11.70 17.42 41.60
CA ARG E 42 11.63 15.97 41.69
C ARG E 42 11.80 15.35 40.31
N PRO E 43 12.44 14.19 40.23
CA PRO E 43 12.64 13.55 38.92
C PRO E 43 11.31 13.26 38.24
N GLY E 44 11.29 13.47 36.92
CA GLY E 44 10.07 13.29 36.15
C GLY E 44 9.18 14.51 36.07
N THR E 45 9.61 15.66 36.60
CA THR E 45 8.81 16.87 36.52
C THR E 45 9.20 17.74 35.33
N VAL E 46 10.50 17.92 35.09
CA VAL E 46 10.95 18.66 33.92
C VAL E 46 10.61 17.92 32.64
N ALA E 47 10.53 16.59 32.70
CA ALA E 47 10.21 15.80 31.52
C ALA E 47 8.83 16.14 30.97
N LEU E 48 7.84 16.29 31.86
CA LEU E 48 6.50 16.65 31.40
C LEU E 48 6.49 18.05 30.78
N ARG E 49 7.25 18.98 31.36
CA ARG E 49 7.35 20.32 30.78
C ARG E 49 7.95 20.25 29.38
N GLU E 50 8.99 19.45 29.21
CA GLU E 50 9.60 19.30 27.88
C GLU E 50 8.63 18.67 26.90
N ILE E 51 7.86 17.67 27.35
CA ILE E 51 6.87 17.03 26.47
C ILE E 51 5.85 18.05 26.02
N ARG E 52 5.36 18.87 26.94
CA ARG E 52 4.37 19.89 26.59
C ARG E 52 4.97 20.92 25.65
N ARG E 53 6.23 21.31 25.86
CA ARG E 53 6.85 22.33 25.02
C ARG E 53 7.08 21.83 23.59
N TYR E 54 7.60 20.60 23.44
CA TYR E 54 7.98 20.11 22.13
C TYR E 54 6.81 19.58 21.31
N GLN E 55 5.65 19.37 21.94
CA GLN E 55 4.46 18.97 21.21
C GLN E 55 3.67 20.16 20.70
N LYS E 56 4.13 21.37 20.95
CA LYS E 56 3.45 22.59 20.52
C LYS E 56 4.16 23.31 19.39
N SER E 57 5.48 23.20 19.29
CA SER E 57 6.25 23.83 18.23
C SER E 57 6.25 22.97 16.98
N THR E 58 6.81 23.53 15.89
CA THR E 58 6.80 22.85 14.60
C THR E 58 8.11 23.02 13.84
N GLU E 59 9.23 23.11 14.54
CA GLU E 59 10.53 23.26 13.88
C GLU E 59 11.26 21.93 13.85
N LEU E 60 12.42 21.93 13.18
CA LEU E 60 13.25 20.74 13.09
C LEU E 60 14.11 20.60 14.34
N LEU E 61 14.30 19.35 14.78
CA LEU E 61 14.99 19.05 16.02
C LEU E 61 16.39 18.49 15.81
N ILE E 62 16.92 18.53 14.59
CA ILE E 62 18.25 18.02 14.29
C ILE E 62 19.04 19.12 13.58
N ARG E 63 20.31 19.26 13.94
CA ARG E 63 21.18 20.23 13.28
C ARG E 63 21.33 19.87 11.80
N LYS E 64 21.49 20.90 10.98
CA LYS E 64 21.43 20.73 9.53
C LYS E 64 22.75 20.28 8.92
N LEU E 65 23.87 20.85 9.36
CA LEU E 65 25.15 20.48 8.78
C LEU E 65 25.52 19.01 9.01
N PRO E 66 25.42 18.46 10.23
CA PRO E 66 25.71 17.02 10.37
C PRO E 66 24.80 16.15 9.54
N PHE E 67 23.52 16.51 9.42
CA PHE E 67 22.61 15.71 8.61
C PHE E 67 23.01 15.77 7.14
N GLN E 68 23.37 16.94 6.64
CA GLN E 68 23.80 17.05 5.25
C GLN E 68 25.05 16.23 4.99
N ARG E 69 26.01 16.27 5.92
CA ARG E 69 27.22 15.47 5.76
C ARG E 69 26.90 13.98 5.75
N LEU E 70 26.01 13.54 6.64
CA LEU E 70 25.63 12.13 6.67
C LEU E 70 24.94 11.70 5.38
N VAL E 71 24.05 12.54 4.85
CA VAL E 71 23.38 12.21 3.59
C VAL E 71 24.39 12.08 2.46
N ARG E 72 25.35 13.02 2.39
CA ARG E 72 26.35 12.94 1.34
C ARG E 72 27.21 11.68 1.48
N GLU E 73 27.59 11.33 2.71
CA GLU E 73 28.37 10.12 2.92
C GLU E 73 27.62 8.89 2.47
N ILE E 74 26.33 8.79 2.82
CA ILE E 74 25.55 7.62 2.42
C ILE E 74 25.43 7.56 0.90
N ALA E 75 25.13 8.69 0.25
CA ALA E 75 24.96 8.68 -1.19
C ALA E 75 26.27 8.45 -1.93
N GLN E 76 27.42 8.63 -1.28
CA GLN E 76 28.70 8.45 -1.95
C GLN E 76 28.88 7.01 -2.46
N ASP E 77 28.23 6.03 -1.84
CA ASP E 77 28.45 4.64 -2.23
C ASP E 77 27.83 4.33 -3.59
N PHE E 78 26.59 4.77 -3.81
CA PHE E 78 25.88 4.39 -5.03
C PHE E 78 26.43 5.10 -6.26
N LYS E 79 26.97 6.31 -6.10
CA LYS E 79 27.53 7.05 -7.21
C LYS E 79 28.53 8.05 -6.67
N THR E 80 29.41 8.51 -7.55
CA THR E 80 30.44 9.48 -7.19
C THR E 80 30.21 10.79 -7.95
N ASP E 81 30.67 11.88 -7.35
CA ASP E 81 30.51 13.23 -7.91
C ASP E 81 29.04 13.56 -8.13
N LEU E 82 28.31 13.61 -7.03
CA LEU E 82 26.89 13.93 -7.03
C LEU E 82 26.66 15.28 -6.37
N ARG E 83 25.70 16.04 -6.89
CA ARG E 83 25.35 17.35 -6.37
C ARG E 83 23.89 17.36 -5.95
N PHE E 84 23.61 17.99 -4.81
CA PHE E 84 22.29 18.02 -4.23
C PHE E 84 21.74 19.44 -4.22
N GLN E 85 20.45 19.58 -4.50
CA GLN E 85 19.75 20.81 -4.21
C GLN E 85 19.44 20.90 -2.73
N SER E 86 19.31 22.12 -2.21
CA SER E 86 19.02 22.31 -0.80
C SER E 86 17.64 21.75 -0.44
N SER E 87 16.66 21.94 -1.32
CA SER E 87 15.32 21.44 -1.05
C SER E 87 15.29 19.92 -0.94
N ALA E 88 16.18 19.23 -1.64
CA ALA E 88 16.25 17.76 -1.50
C ALA E 88 16.63 17.37 -0.09
N VAL E 89 17.65 18.03 0.48
CA VAL E 89 18.07 17.71 1.84
C VAL E 89 16.97 18.10 2.82
N MET E 90 16.26 19.21 2.57
CA MET E 90 15.15 19.59 3.44
C MET E 90 14.06 18.52 3.44
N ALA E 91 13.71 18.01 2.26
CA ALA E 91 12.69 16.98 2.17
C ALA E 91 13.11 15.70 2.90
N LEU E 92 14.38 15.31 2.72
CA LEU E 92 14.88 14.13 3.41
C LEU E 92 14.80 14.30 4.93
N GLN E 93 15.17 15.50 5.42
CA GLN E 93 15.10 15.75 6.86
C GLN E 93 13.68 15.66 7.38
N GLU E 94 12.73 16.25 6.64
CA GLU E 94 11.33 16.21 7.09
C GLU E 94 10.83 14.78 7.17
N ALA E 95 11.10 13.98 6.14
CA ALA E 95 10.65 12.59 6.13
C ALA E 95 11.25 11.80 7.28
N SER E 96 12.55 11.99 7.54
CA SER E 96 13.18 11.27 8.64
C SER E 96 12.58 11.66 9.99
N GLU E 97 12.33 12.95 10.19
CA GLU E 97 11.72 13.41 11.44
C GLU E 97 10.38 12.73 11.67
N ALA E 98 9.52 12.74 10.64
CA ALA E 98 8.20 12.14 10.79
C ALA E 98 8.29 10.65 11.10
N TYR E 99 9.15 9.94 10.39
CA TYR E 99 9.29 8.50 10.61
C TYR E 99 9.72 8.21 12.04
N LEU E 100 10.74 8.92 12.53
CA LEU E 100 11.24 8.65 13.87
C LEU E 100 10.19 8.95 14.94
N VAL E 101 9.45 10.05 14.78
CA VAL E 101 8.43 10.39 15.78
C VAL E 101 7.35 9.31 15.84
N GLY E 102 6.89 8.85 14.66
CA GLY E 102 5.88 7.79 14.67
C GLY E 102 6.39 6.51 15.32
N LEU E 103 7.63 6.13 15.00
CA LEU E 103 8.19 4.93 15.60
C LEU E 103 8.27 5.06 17.12
N PHE E 104 8.62 6.24 17.62
CA PHE E 104 8.70 6.42 19.07
C PHE E 104 7.33 6.36 19.72
N GLU E 105 6.29 6.84 19.05
CA GLU E 105 4.94 6.69 19.58
C GLU E 105 4.57 5.22 19.75
N ASP E 106 4.83 4.42 18.70
CA ASP E 106 4.52 2.99 18.79
C ASP E 106 5.34 2.31 19.88
N THR E 107 6.62 2.69 20.01
CA THR E 107 7.46 2.12 21.05
C THR E 107 6.92 2.44 22.44
N ASN E 108 6.44 3.67 22.64
CA ASN E 108 5.86 4.04 23.92
C ASN E 108 4.63 3.19 24.23
N LEU E 109 3.78 2.96 23.23
CA LEU E 109 2.62 2.09 23.45
C LEU E 109 3.05 0.70 23.89
N CYS E 110 4.04 0.12 23.19
CA CYS E 110 4.52 -1.21 23.55
C CYS E 110 5.09 -1.24 24.97
N ALA E 111 5.85 -0.21 25.35
CA ALA E 111 6.42 -0.17 26.69
C ALA E 111 5.34 -0.08 27.76
N ILE E 112 4.30 0.72 27.51
CA ILE E 112 3.20 0.82 28.47
C ILE E 112 2.47 -0.51 28.60
N HIS E 113 2.37 -1.26 27.50
CA HIS E 113 1.62 -2.53 27.54
C HIS E 113 2.18 -3.49 28.59
N ALA E 114 3.49 -3.49 28.81
CA ALA E 114 4.14 -4.46 29.69
C ALA E 114 4.37 -3.92 31.09
N LYS E 115 3.59 -2.94 31.54
CA LYS E 115 3.68 -2.38 32.88
C LYS E 115 5.07 -1.80 33.15
N ARG E 116 5.42 -0.77 32.38
CA ARG E 116 6.70 -0.11 32.50
C ARG E 116 6.54 1.35 32.11
N VAL E 117 7.55 2.16 32.42
CA VAL E 117 7.57 3.57 32.03
C VAL E 117 8.75 3.80 31.11
N THR E 118 9.81 3.01 31.28
CA THR E 118 11.04 3.15 30.51
C THR E 118 10.96 2.32 29.23
N ILE E 119 11.39 2.92 28.13
CA ILE E 119 11.42 2.23 26.85
C ILE E 119 12.79 1.57 26.68
N MET E 120 12.79 0.40 26.04
CA MET E 120 13.96 -0.44 25.88
C MET E 120 14.03 -0.92 24.44
N PRO E 121 15.20 -1.40 23.99
CA PRO E 121 15.33 -1.84 22.59
C PRO E 121 14.34 -2.92 22.19
N LYS E 122 13.95 -3.80 23.11
CA LYS E 122 13.00 -4.86 22.74
C LYS E 122 11.66 -4.30 22.33
N ASP E 123 11.26 -3.15 22.90
CA ASP E 123 10.02 -2.51 22.48
C ASP E 123 10.11 -2.03 21.03
N ILE E 124 11.24 -1.43 20.66
CA ILE E 124 11.44 -1.01 19.27
C ILE E 124 11.41 -2.22 18.35
N GLN E 125 12.07 -3.30 18.74
CA GLN E 125 12.09 -4.50 17.91
C GLN E 125 10.69 -5.08 17.72
N LEU E 126 9.90 -5.14 18.79
CA LEU E 126 8.54 -5.66 18.68
C LEU E 126 7.67 -4.77 17.79
N ALA E 127 7.78 -3.45 17.96
CA ALA E 127 6.98 -2.55 17.13
C ALA E 127 7.35 -2.69 15.66
N ARG E 128 8.65 -2.77 15.36
CA ARG E 128 9.09 -2.95 13.97
C ARG E 128 8.63 -4.28 13.41
N ARG E 129 8.67 -5.34 14.23
CA ARG E 129 8.23 -6.65 13.75
C ARG E 129 6.75 -6.66 13.44
N ILE E 130 5.92 -6.05 14.30
CA ILE E 130 4.48 -6.06 14.06
C ILE E 130 4.12 -5.17 12.88
N ARG E 131 4.78 -4.01 12.76
CA ARG E 131 4.47 -3.11 11.66
C ARG E 131 4.80 -3.68 10.29
N GLY E 132 5.63 -4.72 10.24
CA GLY E 132 5.97 -5.36 8.99
C GLY E 132 7.30 -4.94 8.37
N GLU E 133 8.10 -4.16 9.08
CA GLU E 133 9.40 -3.74 8.56
C GLU E 133 10.49 -4.77 8.79
N ARG E 134 10.18 -5.87 9.47
CA ARG E 134 11.18 -6.89 9.76
C ARG E 134 10.53 -8.24 10.00
N LYS F 21 37.49 14.89 -1.23
CA LYS F 21 37.75 14.26 0.06
C LYS F 21 36.59 13.34 0.46
N VAL F 22 36.93 12.14 0.92
CA VAL F 22 35.92 11.19 1.36
C VAL F 22 35.37 11.60 2.72
N LEU F 23 34.18 11.11 3.04
CA LEU F 23 33.51 11.37 4.30
C LEU F 23 33.38 10.07 5.07
N ARG F 24 33.73 10.10 6.35
CA ARG F 24 33.72 8.92 7.19
C ARG F 24 33.22 9.27 8.58
N ASP F 25 32.43 8.36 9.16
CA ASP F 25 31.97 8.43 10.55
C ASP F 25 31.20 9.74 10.81
N ASN F 26 30.08 9.88 10.12
CA ASN F 26 29.18 11.00 10.33
C ASN F 26 27.90 10.61 11.04
N ILE F 27 27.71 9.31 11.33
CA ILE F 27 26.53 8.88 12.06
C ILE F 27 26.57 9.31 13.51
N GLN F 28 27.74 9.71 14.01
CA GLN F 28 27.85 10.21 15.38
C GLN F 28 27.45 11.67 15.49
N GLY F 29 27.10 12.32 14.38
CA GLY F 29 26.58 13.68 14.43
C GLY F 29 25.14 13.77 14.89
N ILE F 30 24.42 12.65 14.89
CA ILE F 30 23.08 12.60 15.47
C ILE F 30 23.24 12.37 16.97
N THR F 31 23.36 13.47 17.72
CA THR F 31 23.76 13.40 19.10
C THR F 31 22.63 12.90 19.99
N LYS F 32 22.98 12.59 21.24
CA LYS F 32 21.99 12.13 22.20
C LYS F 32 20.89 13.15 22.49
N PRO F 33 21.18 14.45 22.68
CA PRO F 33 20.07 15.39 22.93
C PRO F 33 19.05 15.45 21.80
N ALA F 34 19.46 15.29 20.54
CA ALA F 34 18.50 15.30 19.44
C ALA F 34 17.54 14.11 19.53
N ILE F 35 18.08 12.92 19.84
CA ILE F 35 17.23 11.75 20.02
C ILE F 35 16.29 11.95 21.20
N ARG F 36 16.80 12.56 22.27
CA ARG F 36 15.93 12.84 23.42
C ARG F 36 14.81 13.80 23.05
N ARG F 37 15.10 14.82 22.24
CA ARG F 37 14.05 15.74 21.81
C ARG F 37 13.01 15.03 20.94
N LEU F 38 13.46 14.16 20.05
CA LEU F 38 12.51 13.39 19.24
C LEU F 38 11.62 12.51 20.12
N ALA F 39 12.21 11.85 21.12
CA ALA F 39 11.43 11.02 22.02
C ALA F 39 10.44 11.86 22.83
N ARG F 40 10.85 13.05 23.26
CA ARG F 40 9.95 13.93 23.99
C ARG F 40 8.76 14.35 23.14
N ARG F 41 9.01 14.70 21.87
CA ARG F 41 7.90 15.02 20.98
C ARG F 41 7.02 13.79 20.75
N GLY F 42 7.60 12.60 20.77
CA GLY F 42 6.81 11.39 20.64
C GLY F 42 5.94 11.08 21.84
N GLY F 43 6.28 11.62 23.01
CA GLY F 43 5.52 11.39 24.22
C GLY F 43 6.19 10.52 25.27
N VAL F 44 7.47 10.24 25.13
CA VAL F 44 8.18 9.34 26.03
C VAL F 44 8.62 10.10 27.28
N LYS F 45 8.59 9.43 28.43
CA LYS F 45 8.92 10.03 29.71
C LYS F 45 10.31 9.63 30.20
N ARG F 46 10.64 8.34 30.16
CA ARG F 46 11.94 7.84 30.58
C ARG F 46 12.58 7.05 29.45
N ILE F 47 13.89 7.19 29.29
CA ILE F 47 14.63 6.54 28.23
C ILE F 47 15.79 5.76 28.84
N SER F 48 16.01 4.55 28.35
CA SER F 48 17.14 3.74 28.81
C SER F 48 18.42 4.22 28.12
N GLY F 49 19.51 3.49 28.30
CA GLY F 49 20.78 3.94 27.79
C GLY F 49 21.24 3.27 26.51
N LEU F 50 20.49 2.29 26.03
CA LEU F 50 20.85 1.56 24.82
C LEU F 50 19.95 1.92 23.64
N ILE F 51 19.09 2.92 23.79
CA ILE F 51 18.16 3.30 22.73
C ILE F 51 18.90 3.95 21.56
N TYR F 52 19.97 4.69 21.86
CA TYR F 52 20.58 5.56 20.85
C TYR F 52 21.17 4.77 19.69
N GLU F 53 21.84 3.65 19.97
CA GLU F 53 22.41 2.83 18.90
C GLU F 53 21.31 2.25 18.00
N GLU F 54 20.23 1.76 18.61
CA GLU F 54 19.11 1.27 17.84
C GLU F 54 18.53 2.35 16.94
N THR F 55 18.37 3.56 17.48
CA THR F 55 17.81 4.65 16.70
C THR F 55 18.72 4.99 15.52
N ARG F 56 20.04 5.03 15.76
CA ARG F 56 20.97 5.33 14.68
C ARG F 56 20.91 4.28 13.58
N GLY F 57 20.85 3.00 13.96
CA GLY F 57 20.73 1.95 12.96
C GLY F 57 19.46 2.05 12.14
N VAL F 58 18.33 2.31 12.81
CA VAL F 58 17.05 2.42 12.10
C VAL F 58 17.09 3.58 11.12
N LEU F 59 17.61 4.73 11.56
CA LEU F 59 17.69 5.89 10.69
C LEU F 59 18.59 5.61 9.49
N LYS F 60 19.72 4.94 9.71
CA LYS F 60 20.61 4.63 8.60
C LYS F 60 19.94 3.73 7.57
N VAL F 61 19.20 2.72 8.04
CA VAL F 61 18.51 1.82 7.10
C VAL F 61 17.49 2.59 6.28
N PHE F 62 16.69 3.43 6.93
CA PHE F 62 15.67 4.20 6.22
C PHE F 62 16.30 5.12 5.18
N LEU F 63 17.38 5.81 5.56
CA LEU F 63 18.02 6.74 4.64
C LEU F 63 18.60 6.02 3.43
N GLU F 64 19.25 4.86 3.64
CA GLU F 64 19.78 4.11 2.52
C GLU F 64 18.66 3.70 1.57
N ASN F 65 17.54 3.21 2.12
CA ASN F 65 16.45 2.75 1.28
C ASN F 65 15.91 3.88 0.41
N VAL F 66 15.74 5.08 0.97
CA VAL F 66 15.21 6.18 0.16
C VAL F 66 16.23 6.66 -0.87
N ILE F 67 17.50 6.81 -0.45
CA ILE F 67 18.50 7.42 -1.31
C ILE F 67 18.80 6.53 -2.52
N ARG F 68 18.74 5.21 -2.36
CA ARG F 68 18.97 4.33 -3.52
C ARG F 68 17.98 4.63 -4.63
N ASP F 69 16.70 4.72 -4.31
CA ASP F 69 15.68 5.00 -5.32
C ASP F 69 15.84 6.40 -5.89
N ALA F 70 16.18 7.38 -5.04
CA ALA F 70 16.38 8.74 -5.55
C ALA F 70 17.50 8.77 -6.58
N VAL F 71 18.61 8.08 -6.30
CA VAL F 71 19.74 8.09 -7.22
C VAL F 71 19.39 7.34 -8.50
N THR F 72 18.62 6.26 -8.40
CA THR F 72 18.18 5.57 -9.62
C THR F 72 17.34 6.49 -10.51
N TYR F 73 16.41 7.22 -9.90
CA TYR F 73 15.60 8.16 -10.67
C TYR F 73 16.46 9.23 -11.32
N THR F 74 17.46 9.73 -10.59
CA THR F 74 18.36 10.73 -11.16
C THR F 74 19.15 10.17 -12.34
N GLU F 75 19.65 8.95 -12.21
CA GLU F 75 20.46 8.35 -13.28
C GLU F 75 19.62 8.14 -14.54
N HIS F 76 18.36 7.72 -14.39
CA HIS F 76 17.55 7.43 -15.58
C HIS F 76 17.41 8.66 -16.48
N ALA F 77 17.40 9.86 -15.90
CA ALA F 77 17.23 11.08 -16.68
C ALA F 77 18.54 11.63 -17.23
N LYS F 78 19.66 10.95 -16.99
CA LYS F 78 20.98 11.38 -17.44
C LYS F 78 21.32 12.77 -16.90
N ARG F 79 21.28 12.89 -15.57
CA ARG F 79 21.61 14.11 -14.88
C ARG F 79 22.66 13.81 -13.82
N LYS F 80 23.24 14.87 -13.26
CA LYS F 80 24.20 14.74 -12.18
C LYS F 80 23.80 15.48 -10.91
N THR F 81 22.61 16.08 -10.89
CA THR F 81 22.11 16.82 -9.74
C THR F 81 20.82 16.16 -9.25
N VAL F 82 20.78 15.84 -7.97
CA VAL F 82 19.58 15.23 -7.38
C VAL F 82 18.61 16.35 -6.99
N THR F 83 17.41 16.30 -7.55
CA THR F 83 16.40 17.32 -7.32
C THR F 83 15.44 16.87 -6.22
N ALA F 84 14.49 17.74 -5.89
CA ALA F 84 13.49 17.42 -4.87
C ALA F 84 12.42 16.48 -5.40
N MET F 85 12.12 16.55 -6.70
CA MET F 85 11.11 15.66 -7.28
C MET F 85 11.54 14.20 -7.21
N ASP F 86 12.84 13.92 -7.37
CA ASP F 86 13.32 12.55 -7.23
C ASP F 86 13.08 12.02 -5.83
N VAL F 87 13.34 12.84 -4.81
CA VAL F 87 13.08 12.44 -3.44
C VAL F 87 11.58 12.23 -3.21
N VAL F 88 10.75 13.11 -3.78
CA VAL F 88 9.30 12.97 -3.60
C VAL F 88 8.81 11.67 -4.22
N TYR F 89 9.28 11.34 -5.43
CA TYR F 89 8.88 10.10 -6.07
C TYR F 89 9.40 8.88 -5.30
N ALA F 90 10.63 8.94 -4.81
CA ALA F 90 11.18 7.83 -4.04
C ALA F 90 10.37 7.59 -2.78
N LEU F 91 9.95 8.66 -2.10
CA LEU F 91 9.10 8.49 -0.92
C LEU F 91 7.72 7.97 -1.31
N LYS F 92 7.17 8.44 -2.42
CA LYS F 92 5.86 7.98 -2.87
C LYS F 92 5.87 6.50 -3.21
N ARG F 93 7.00 5.98 -3.66
CA ARG F 93 7.10 4.56 -4.00
C ARG F 93 6.93 3.66 -2.79
N GLN F 94 7.03 4.19 -1.57
CA GLN F 94 6.91 3.39 -0.35
C GLN F 94 5.68 3.77 0.48
N GLY F 95 4.72 4.45 -0.12
CA GLY F 95 3.53 4.87 0.60
C GLY F 95 3.80 5.86 1.70
N ARG F 96 4.59 6.90 1.40
CA ARG F 96 4.97 7.93 2.36
C ARG F 96 4.82 9.31 1.72
N THR F 97 3.66 9.57 1.13
CA THR F 97 3.44 10.80 0.38
C THR F 97 3.73 12.03 1.23
N LEU F 98 4.41 13.00 0.63
CA LEU F 98 4.83 14.21 1.31
C LEU F 98 4.31 15.42 0.55
N TYR F 99 3.69 16.35 1.27
CA TYR F 99 3.08 17.54 0.70
C TYR F 99 3.94 18.76 0.96
N GLY F 100 4.08 19.63 -0.04
CA GLY F 100 4.76 20.89 0.16
C GLY F 100 5.86 21.20 -0.83
N PHE F 101 6.56 20.17 -1.29
CA PHE F 101 7.72 20.35 -2.15
C PHE F 101 7.41 20.17 -3.62
N GLY F 102 6.14 20.11 -3.99
CA GLY F 102 5.74 19.97 -5.38
C GLY F 102 4.81 18.81 -5.64
N ALA G 10 7.38 -14.11 -53.57
CA ALA G 10 8.57 -14.70 -52.96
C ALA G 10 8.77 -14.19 -51.54
N ARG G 11 8.43 -15.03 -50.56
CA ARG G 11 8.57 -14.69 -49.15
C ARG G 11 9.40 -15.75 -48.45
N ALA G 12 10.25 -15.32 -47.54
CA ALA G 12 11.10 -16.24 -46.80
C ALA G 12 10.27 -17.02 -45.77
N LYS G 13 10.88 -18.05 -45.20
CA LYS G 13 10.19 -18.87 -44.21
C LYS G 13 9.93 -18.07 -42.95
N ALA G 14 8.72 -18.20 -42.41
CA ALA G 14 8.34 -17.46 -41.22
C ALA G 14 9.12 -17.97 -40.02
N LYS G 15 9.64 -17.04 -39.22
CA LYS G 15 10.41 -17.36 -38.02
C LYS G 15 9.89 -16.51 -36.88
N THR G 16 9.46 -17.16 -35.80
CA THR G 16 8.93 -16.43 -34.66
C THR G 16 10.02 -15.60 -33.99
N ARG G 17 9.61 -14.48 -33.40
CA ARG G 17 10.56 -13.62 -32.72
C ARG G 17 11.14 -14.29 -31.48
N SER G 18 10.36 -15.16 -30.83
CA SER G 18 10.88 -15.89 -29.68
C SER G 18 12.04 -16.79 -30.07
N SER G 19 11.92 -17.48 -31.21
CA SER G 19 13.02 -18.31 -31.68
C SER G 19 14.22 -17.47 -32.10
N ARG G 20 13.96 -16.29 -32.69
CA ARG G 20 15.04 -15.42 -33.10
C ARG G 20 15.81 -14.88 -31.89
N ALA G 21 15.11 -14.64 -30.79
CA ALA G 21 15.75 -14.15 -29.56
C ALA G 21 16.16 -15.27 -28.62
N GLY G 22 15.90 -16.52 -28.97
CA GLY G 22 16.26 -17.64 -28.12
C GLY G 22 15.52 -17.72 -26.81
N LEU G 23 14.21 -17.51 -26.83
CA LEU G 23 13.38 -17.56 -25.63
C LEU G 23 12.30 -18.62 -25.80
N GLN G 24 11.60 -18.90 -24.69
CA GLN G 24 10.44 -19.77 -24.70
C GLN G 24 9.13 -19.02 -24.57
N PHE G 25 9.09 -17.91 -23.85
CA PHE G 25 7.89 -17.11 -23.69
C PHE G 25 7.59 -16.33 -24.97
N PRO G 26 6.31 -16.08 -25.26
CA PRO G 26 5.98 -15.40 -26.51
C PRO G 26 6.42 -13.94 -26.51
N VAL G 27 6.68 -13.43 -27.71
CA VAL G 27 7.03 -12.04 -27.88
C VAL G 27 5.94 -11.24 -28.60
N GLY G 28 5.24 -11.85 -29.57
CA GLY G 28 4.15 -11.14 -30.22
C GLY G 28 2.99 -10.86 -29.27
N ARG G 29 2.67 -11.82 -28.41
CA ARG G 29 1.57 -11.63 -27.47
C ARG G 29 1.87 -10.50 -26.48
N VAL G 30 3.09 -10.44 -25.97
CA VAL G 30 3.47 -9.37 -25.04
C VAL G 30 3.42 -8.03 -25.76
N HIS G 31 3.86 -7.98 -27.01
CA HIS G 31 3.78 -6.74 -27.77
C HIS G 31 2.35 -6.28 -27.96
N ARG G 32 1.45 -7.22 -28.28
CA ARG G 32 0.03 -6.87 -28.44
C ARG G 32 -0.56 -6.37 -27.13
N LEU G 33 -0.25 -7.03 -26.02
CA LEU G 33 -0.76 -6.60 -24.73
C LEU G 33 -0.25 -5.21 -24.37
N LEU G 34 1.03 -4.94 -24.64
CA LEU G 34 1.58 -3.62 -24.38
C LEU G 34 0.89 -2.56 -25.22
N ARG G 35 0.63 -2.85 -26.51
CA ARG G 35 -0.03 -1.87 -27.36
C ARG G 35 -1.46 -1.61 -26.91
N LYS G 36 -2.18 -2.65 -26.49
CA LYS G 36 -3.60 -2.52 -26.18
C LYS G 36 -3.88 -2.23 -24.70
N GLY G 37 -2.85 -2.11 -23.88
CA GLY G 37 -3.08 -1.84 -22.47
C GLY G 37 -3.19 -0.39 -22.06
N ASN G 38 -3.09 0.55 -23.01
CA ASN G 38 -3.09 1.98 -22.71
C ASN G 38 -1.98 2.36 -21.74
N TYR G 39 -0.75 2.07 -22.15
CA TYR G 39 0.42 2.39 -21.34
C TYR G 39 1.20 3.59 -21.85
N ALA G 40 1.28 3.75 -23.18
CA ALA G 40 1.94 4.90 -23.78
C ALA G 40 1.47 5.02 -25.21
N GLU G 41 1.79 6.16 -25.82
CA GLU G 41 1.38 6.40 -27.20
C GLU G 41 2.05 5.42 -28.16
N ARG G 42 3.35 5.16 -27.98
CA ARG G 42 4.10 4.31 -28.88
C ARG G 42 4.94 3.33 -28.08
N VAL G 43 5.24 2.18 -28.69
CA VAL G 43 5.98 1.11 -28.04
C VAL G 43 7.18 0.75 -28.91
N GLY G 44 8.36 0.70 -28.31
CA GLY G 44 9.57 0.39 -29.05
C GLY G 44 9.62 -1.06 -29.47
N ALA G 45 10.70 -1.40 -30.18
CA ALA G 45 10.88 -2.74 -30.72
C ALA G 45 11.70 -3.65 -29.82
N GLY G 46 12.25 -3.15 -28.72
CA GLY G 46 13.08 -3.96 -27.85
C GLY G 46 12.44 -4.25 -26.50
N ALA G 47 11.33 -3.58 -26.20
CA ALA G 47 10.67 -3.81 -24.92
C ALA G 47 10.12 -5.22 -24.78
N PRO G 48 9.39 -5.79 -25.75
CA PRO G 48 8.85 -7.15 -25.56
C PRO G 48 9.91 -8.20 -25.29
N VAL G 49 11.08 -8.10 -25.94
CA VAL G 49 12.12 -9.09 -25.73
C VAL G 49 12.62 -9.05 -24.29
N TYR G 50 12.89 -7.85 -23.78
CA TYR G 50 13.35 -7.69 -22.42
C TYR G 50 12.32 -8.19 -21.42
N LEU G 51 11.05 -7.82 -21.62
CA LEU G 51 10.00 -8.24 -20.69
C LEU G 51 9.82 -9.75 -20.69
N ALA G 52 9.83 -10.37 -21.87
CA ALA G 52 9.68 -11.82 -21.95
C ALA G 52 10.85 -12.52 -21.27
N ALA G 53 12.07 -12.03 -21.47
CA ALA G 53 13.22 -12.65 -20.81
C ALA G 53 13.10 -12.58 -19.30
N VAL G 54 12.70 -11.41 -18.76
CA VAL G 54 12.57 -11.27 -17.31
C VAL G 54 11.50 -12.21 -16.77
N LEU G 55 10.35 -12.27 -17.44
CA LEU G 55 9.27 -13.15 -16.98
C LEU G 55 9.70 -14.60 -17.00
N GLU G 56 10.39 -15.03 -18.06
CA GLU G 56 10.87 -16.41 -18.12
C GLU G 56 11.85 -16.72 -17.00
N TYR G 57 12.76 -15.78 -16.71
CA TYR G 57 13.73 -16.01 -15.64
C TYR G 57 13.02 -16.22 -14.30
N LEU G 58 12.07 -15.34 -13.98
CA LEU G 58 11.38 -15.46 -12.70
C LEU G 58 10.59 -16.76 -12.61
N THR G 59 9.91 -17.14 -13.70
CA THR G 59 9.16 -18.38 -13.70
C THR G 59 10.07 -19.58 -13.47
N ALA G 60 11.24 -19.60 -14.14
CA ALA G 60 12.17 -20.70 -13.97
C ALA G 60 12.66 -20.79 -12.53
N GLU G 61 12.96 -19.64 -11.92
CA GLU G 61 13.36 -19.63 -10.52
C GLU G 61 12.31 -20.29 -9.63
N ILE G 62 11.06 -19.84 -9.76
CA ILE G 62 9.99 -20.35 -8.88
C ILE G 62 9.81 -21.85 -9.10
N LEU G 63 9.79 -22.27 -10.37
CA LEU G 63 9.53 -23.67 -10.68
C LEU G 63 10.64 -24.57 -10.18
N GLU G 64 11.90 -24.14 -10.29
CA GLU G 64 13.00 -24.96 -9.79
C GLU G 64 12.89 -25.16 -8.29
N LEU G 65 12.65 -24.08 -7.54
CA LEU G 65 12.54 -24.23 -6.09
C LEU G 65 11.36 -25.11 -5.71
N ALA G 66 10.22 -24.93 -6.39
CA ALA G 66 9.04 -25.74 -6.09
C ALA G 66 9.29 -27.21 -6.41
N GLY G 67 10.00 -27.50 -7.49
CA GLY G 67 10.30 -28.88 -7.83
C GLY G 67 11.21 -29.52 -6.79
N ASN G 68 12.20 -28.78 -6.30
CA ASN G 68 13.02 -29.28 -5.22
C ASN G 68 12.18 -29.60 -3.98
N ALA G 69 11.27 -28.69 -3.62
CA ALA G 69 10.41 -28.94 -2.46
C ALA G 69 9.53 -30.16 -2.67
N ALA G 70 9.00 -30.35 -3.88
CA ALA G 70 8.16 -31.51 -4.15
C ALA G 70 8.96 -32.80 -4.06
N ARG G 71 10.16 -32.84 -4.64
CA ARG G 71 10.99 -34.03 -4.57
C ARG G 71 11.48 -34.31 -3.16
N ASP G 72 11.49 -33.30 -2.29
CA ASP G 72 11.99 -33.50 -0.93
C ASP G 72 11.23 -34.58 -0.19
N ASN G 73 9.90 -34.59 -0.28
CA ASN G 73 9.08 -35.54 0.46
C ASN G 73 8.43 -36.59 -0.44
N LYS G 74 9.17 -37.02 -1.46
CA LYS G 74 8.83 -38.20 -2.26
C LYS G 74 7.47 -38.05 -2.97
N LYS G 75 7.40 -37.04 -3.83
CA LYS G 75 6.24 -36.84 -4.68
C LYS G 75 6.70 -36.52 -6.10
N THR G 76 5.83 -36.81 -7.06
CA THR G 76 6.14 -36.58 -8.47
C THR G 76 5.57 -35.26 -8.99
N ARG G 77 4.34 -34.94 -8.64
CA ARG G 77 3.70 -33.72 -9.13
C ARG G 77 3.92 -32.57 -8.15
N ILE G 78 3.44 -31.38 -8.52
CA ILE G 78 3.59 -30.17 -7.73
C ILE G 78 2.21 -29.67 -7.36
N ILE G 79 2.01 -29.37 -6.09
CA ILE G 79 0.74 -28.89 -5.57
C ILE G 79 0.97 -27.55 -4.90
N PRO G 80 -0.09 -26.76 -4.66
CA PRO G 80 0.12 -25.42 -4.10
C PRO G 80 0.90 -25.38 -2.80
N ARG G 81 0.84 -26.45 -2.00
CA ARG G 81 1.60 -26.48 -0.76
C ARG G 81 3.10 -26.36 -1.03
N HIS G 82 3.58 -27.05 -2.06
CA HIS G 82 5.00 -26.98 -2.41
C HIS G 82 5.38 -25.58 -2.86
N LEU G 83 4.52 -24.92 -3.64
CA LEU G 83 4.78 -23.54 -4.04
C LEU G 83 4.87 -22.62 -2.84
N GLN G 84 3.95 -22.80 -1.87
CA GLN G 84 4.00 -21.96 -0.68
C GLN G 84 5.28 -22.20 0.11
N LEU G 85 5.70 -23.45 0.27
CA LEU G 85 6.94 -23.75 0.98
C LEU G 85 8.13 -23.10 0.28
N ALA G 86 8.20 -23.25 -1.04
CA ALA G 86 9.32 -22.69 -1.80
C ALA G 86 9.37 -21.17 -1.67
N ILE G 87 8.21 -20.52 -1.74
CA ILE G 87 8.20 -19.06 -1.67
C ILE G 87 8.56 -18.59 -0.26
N ARG G 88 7.98 -19.20 0.77
CA ARG G 88 8.19 -18.73 2.12
C ARG G 88 9.58 -19.07 2.66
N ASN G 89 10.25 -20.06 2.09
CA ASN G 89 11.54 -20.49 2.62
C ASN G 89 12.72 -19.71 2.05
N ASP G 90 12.47 -18.69 1.24
CA ASP G 90 13.53 -17.86 0.66
C ASP G 90 13.57 -16.51 1.35
N GLU G 91 14.44 -15.63 0.84
CA GLU G 91 14.58 -14.28 1.37
C GLU G 91 14.31 -13.19 0.35
N GLU G 92 14.53 -13.43 -0.93
CA GLU G 92 14.17 -12.44 -1.94
C GLU G 92 12.74 -12.64 -2.42
N LEU G 93 12.32 -13.89 -2.64
CA LEU G 93 10.96 -14.15 -3.09
C LEU G 93 9.94 -13.89 -2.00
N ASN G 94 10.35 -14.04 -0.74
CA ASN G 94 9.47 -13.69 0.37
C ASN G 94 9.25 -12.18 0.47
N LYS G 95 10.17 -11.38 -0.06
CA LYS G 95 10.01 -9.94 -0.10
C LYS G 95 9.24 -9.45 -1.31
N LEU G 96 9.36 -10.16 -2.44
CA LEU G 96 8.62 -9.77 -3.63
C LEU G 96 7.14 -10.13 -3.52
N LEU G 97 6.81 -11.19 -2.80
CA LEU G 97 5.44 -11.64 -2.66
C LEU G 97 5.00 -11.62 -1.20
N GLY G 98 5.29 -10.52 -0.50
CA GLY G 98 4.98 -10.43 0.91
C GLY G 98 3.57 -10.02 1.25
N LYS G 99 2.78 -9.63 0.26
CA LYS G 99 1.39 -9.23 0.45
C LYS G 99 0.45 -10.07 -0.42
N VAL G 100 0.78 -11.35 -0.57
CA VAL G 100 0.05 -12.23 -1.47
C VAL G 100 -0.39 -13.47 -0.71
N THR G 101 -1.66 -13.85 -0.87
CA THR G 101 -2.22 -15.05 -0.27
C THR G 101 -2.33 -16.14 -1.34
N ILE G 102 -1.87 -17.34 -1.00
CA ILE G 102 -1.92 -18.48 -1.91
C ILE G 102 -2.97 -19.45 -1.39
N ALA G 103 -3.94 -19.77 -2.25
CA ALA G 103 -5.03 -20.65 -1.84
C ALA G 103 -4.51 -22.06 -1.58
N GLN G 104 -4.97 -22.65 -0.47
CA GLN G 104 -4.58 -24.01 -0.07
C GLN G 104 -3.07 -24.12 0.10
N GLY G 105 -2.48 -23.14 0.78
CA GLY G 105 -1.05 -23.11 0.96
C GLY G 105 -0.58 -23.49 2.35
N GLY G 106 -1.38 -23.21 3.36
CA GLY G 106 -0.98 -23.49 4.72
C GLY G 106 0.01 -22.46 5.25
N VAL G 107 0.72 -22.84 6.31
CA VAL G 107 1.69 -21.98 6.96
C VAL G 107 2.98 -22.74 7.20
N LEU G 108 4.05 -21.99 7.42
CA LEU G 108 5.34 -22.59 7.76
C LEU G 108 5.30 -23.13 9.19
N PRO G 109 5.72 -24.37 9.43
CA PRO G 109 5.66 -24.94 10.79
C PRO G 109 6.75 -24.35 11.67
N ASN G 110 6.33 -23.69 12.75
CA ASN G 110 7.26 -23.22 13.77
C ASN G 110 6.52 -23.03 15.09
N ILE G 111 7.27 -23.12 16.19
CA ILE G 111 6.74 -22.96 17.53
C ILE G 111 7.72 -22.12 18.33
N GLN G 112 7.18 -21.17 19.12
CA GLN G 112 8.03 -20.35 19.97
C GLN G 112 8.72 -21.20 21.03
N ALA G 113 9.96 -20.81 21.34
CA ALA G 113 10.78 -21.62 22.25
C ALA G 113 10.27 -21.59 23.68
N VAL G 114 9.63 -20.48 24.09
CA VAL G 114 9.16 -20.38 25.47
C VAL G 114 8.00 -21.34 25.73
N LEU G 115 7.21 -21.64 24.70
CA LEU G 115 6.07 -22.55 24.88
C LEU G 115 6.53 -24.00 25.03
N LEU G 116 7.66 -24.36 24.42
CA LEU G 116 8.13 -25.73 24.48
C LEU G 116 8.52 -26.10 25.91
N PRO G 117 8.25 -27.34 26.35
CA PRO G 117 8.58 -27.77 27.71
C PRO G 117 10.06 -27.97 27.92
N SER H 32 -16.55 -18.72 -27.30
CA SER H 32 -15.34 -17.92 -27.24
C SER H 32 -14.16 -18.75 -26.71
N ARG H 33 -12.95 -18.31 -27.01
CA ARG H 33 -11.73 -18.98 -26.59
C ARG H 33 -10.91 -18.06 -25.71
N LYS H 34 -10.34 -18.63 -24.65
CA LYS H 34 -9.54 -17.87 -23.69
C LYS H 34 -8.06 -18.10 -23.95
N GLU H 35 -7.25 -17.29 -23.28
CA GLU H 35 -5.79 -17.34 -23.42
C GLU H 35 -5.15 -17.48 -22.04
N SER H 36 -4.02 -18.16 -22.01
CA SER H 36 -3.30 -18.39 -20.75
C SER H 36 -1.83 -18.61 -21.08
N TYR H 37 -1.05 -18.98 -20.06
CA TYR H 37 0.38 -19.23 -20.19
C TYR H 37 0.72 -20.68 -19.89
N SER H 38 -0.22 -21.59 -20.14
CA SER H 38 -0.04 -22.97 -19.71
C SER H 38 1.08 -23.66 -20.48
N VAL H 39 1.07 -23.55 -21.81
CA VAL H 39 2.04 -24.28 -22.62
C VAL H 39 3.46 -23.79 -22.36
N TYR H 40 3.63 -22.48 -22.16
CA TYR H 40 4.96 -21.94 -21.92
C TYR H 40 5.47 -22.32 -20.53
N VAL H 41 4.59 -22.32 -19.54
CA VAL H 41 4.99 -22.76 -18.20
C VAL H 41 5.41 -24.23 -18.23
N TYR H 42 4.67 -25.06 -18.96
CA TYR H 42 5.04 -26.46 -19.07
C TYR H 42 6.37 -26.63 -19.79
N LYS H 43 6.60 -25.85 -20.85
CA LYS H 43 7.87 -25.91 -21.55
C LYS H 43 9.04 -25.53 -20.65
N VAL H 44 8.87 -24.49 -19.84
CA VAL H 44 9.92 -24.07 -18.94
C VAL H 44 10.15 -25.13 -17.87
N LEU H 45 9.07 -25.74 -17.36
CA LEU H 45 9.22 -26.78 -16.34
C LEU H 45 9.97 -27.98 -16.87
N LYS H 46 9.72 -28.35 -18.13
CA LYS H 46 10.40 -29.52 -18.69
C LYS H 46 11.89 -29.30 -18.94
N GLN H 47 12.47 -28.17 -18.56
CA GLN H 47 13.90 -27.93 -18.74
C GLN H 47 14.70 -27.99 -17.45
N VAL H 48 14.07 -27.71 -16.31
CA VAL H 48 14.77 -27.76 -15.02
C VAL H 48 14.45 -29.03 -14.24
N HIS H 49 13.35 -29.71 -14.56
CA HIS H 49 12.99 -30.97 -13.92
C HIS H 49 12.34 -31.85 -14.97
N PRO H 50 13.12 -32.65 -15.70
CA PRO H 50 12.59 -33.38 -16.84
C PRO H 50 11.62 -34.51 -16.50
N ASP H 51 11.38 -34.78 -15.21
CA ASP H 51 10.48 -35.87 -14.82
C ASP H 51 9.55 -35.43 -13.71
N THR H 52 8.99 -34.23 -13.82
CA THR H 52 8.09 -33.69 -12.83
C THR H 52 6.85 -33.10 -13.52
N GLY H 53 5.68 -33.40 -12.97
CA GLY H 53 4.44 -32.88 -13.49
C GLY H 53 3.92 -31.71 -12.66
N ILE H 54 2.69 -31.31 -12.97
CA ILE H 54 2.05 -30.20 -12.28
C ILE H 54 0.54 -30.38 -12.38
N SER H 55 -0.17 -29.96 -11.34
CA SER H 55 -1.62 -30.06 -11.31
C SER H 55 -2.25 -28.77 -11.83
N SER H 56 -3.59 -28.74 -11.86
CA SER H 56 -4.29 -27.59 -12.43
C SER H 56 -4.29 -26.39 -11.49
N LYS H 57 -4.40 -26.64 -10.18
CA LYS H 57 -4.40 -25.52 -9.23
C LYS H 57 -3.08 -24.78 -9.25
N ALA H 58 -1.97 -25.50 -9.30
CA ALA H 58 -0.67 -24.87 -9.42
C ALA H 58 -0.55 -24.08 -10.72
N MET H 59 -1.18 -24.57 -11.79
CA MET H 59 -1.16 -23.83 -13.04
C MET H 59 -1.93 -22.52 -12.93
N GLY H 60 -3.08 -22.53 -12.25
CA GLY H 60 -3.80 -21.29 -12.01
C GLY H 60 -2.98 -20.30 -11.20
N ILE H 61 -2.29 -20.80 -10.18
CA ILE H 61 -1.43 -19.93 -9.38
C ILE H 61 -0.32 -19.33 -10.24
N MET H 62 0.27 -20.14 -11.12
CA MET H 62 1.33 -19.64 -11.99
C MET H 62 0.82 -18.55 -12.93
N ASN H 63 -0.38 -18.75 -13.50
CA ASN H 63 -0.95 -17.73 -14.37
C ASN H 63 -1.17 -16.42 -13.62
N SER H 64 -1.71 -16.52 -12.39
CA SER H 64 -1.91 -15.31 -11.59
C SER H 64 -0.58 -14.60 -11.32
N PHE H 65 0.46 -15.36 -11.00
CA PHE H 65 1.76 -14.76 -10.72
C PHE H 65 2.31 -14.02 -11.92
N VAL H 66 2.23 -14.64 -13.10
CA VAL H 66 2.75 -14.01 -14.31
C VAL H 66 1.99 -12.73 -14.61
N ASN H 67 0.66 -12.75 -14.50
CA ASN H 67 -0.13 -11.55 -14.76
C ASN H 67 0.24 -10.44 -13.79
N ASP H 68 0.40 -10.77 -12.51
CA ASP H 68 0.73 -9.76 -11.51
C ASP H 68 2.06 -9.08 -11.82
N ILE H 69 3.09 -9.87 -12.12
CA ILE H 69 4.40 -9.28 -12.38
C ILE H 69 4.37 -8.43 -13.65
N PHE H 70 3.69 -8.91 -14.70
CA PHE H 70 3.56 -8.14 -15.92
C PHE H 70 2.93 -6.78 -15.65
N GLU H 71 1.84 -6.77 -14.88
CA GLU H 71 1.16 -5.51 -14.59
C GLU H 71 2.05 -4.55 -13.82
N ARG H 72 2.76 -5.06 -12.80
CA ARG H 72 3.63 -4.18 -12.02
C ARG H 72 4.67 -3.52 -12.90
N ILE H 73 5.40 -4.32 -13.69
CA ILE H 73 6.50 -3.77 -14.48
C ILE H 73 5.96 -2.79 -15.52
N ALA H 74 4.87 -3.13 -16.19
CA ALA H 74 4.33 -2.24 -17.22
C ALA H 74 3.88 -0.91 -16.62
N GLY H 75 3.21 -0.95 -15.46
CA GLY H 75 2.78 0.30 -14.83
C GLY H 75 3.95 1.19 -14.44
N GLU H 76 4.99 0.59 -13.85
CA GLU H 76 6.14 1.39 -13.46
C GLU H 76 6.83 2.01 -14.69
N ALA H 77 6.96 1.24 -15.77
CA ALA H 77 7.57 1.76 -16.98
C ALA H 77 6.76 2.92 -17.55
N SER H 78 5.42 2.80 -17.55
CA SER H 78 4.59 3.87 -18.05
C SER H 78 4.75 5.14 -17.22
N ARG H 79 4.79 5.00 -15.90
CA ARG H 79 5.00 6.18 -15.05
C ARG H 79 6.36 6.83 -15.32
N LEU H 80 7.40 6.02 -15.47
CA LEU H 80 8.73 6.56 -15.75
C LEU H 80 8.76 7.30 -17.07
N ALA H 81 8.12 6.75 -18.10
CA ALA H 81 8.07 7.45 -19.38
C ALA H 81 7.29 8.75 -19.27
N HIS H 82 6.23 8.77 -18.46
CA HIS H 82 5.43 9.99 -18.32
C HIS H 82 6.17 11.09 -17.58
N TYR H 83 7.03 10.73 -16.61
CA TYR H 83 7.73 11.75 -15.83
C TYR H 83 8.63 12.61 -16.70
N ASN H 84 9.34 12.00 -17.64
CA ASN H 84 10.36 12.70 -18.42
C ASN H 84 9.82 13.31 -19.70
N LYS H 85 8.50 13.48 -19.81
CA LYS H 85 7.88 14.11 -20.97
C LYS H 85 8.21 13.37 -22.27
N ARG H 86 8.19 12.05 -22.23
CA ARG H 86 8.36 11.23 -23.41
C ARG H 86 7.04 10.58 -23.78
N SER H 87 7.02 9.94 -24.96
CA SER H 87 5.81 9.30 -25.46
C SER H 87 6.11 7.95 -26.08
N THR H 88 7.12 7.25 -25.59
CA THR H 88 7.46 5.93 -26.09
C THR H 88 8.08 5.12 -24.96
N ILE H 89 7.93 3.80 -25.05
CA ILE H 89 8.47 2.87 -24.07
C ILE H 89 9.56 2.05 -24.75
N THR H 90 10.79 2.21 -24.30
CA THR H 90 11.95 1.52 -24.83
C THR H 90 12.49 0.54 -23.79
N SER H 91 13.62 -0.09 -24.10
CA SER H 91 14.20 -1.06 -23.17
C SER H 91 14.84 -0.38 -21.96
N ARG H 92 15.22 0.89 -22.07
CA ARG H 92 15.75 1.61 -20.92
C ARG H 92 14.71 1.73 -19.82
N GLU H 93 13.47 2.05 -20.18
CA GLU H 93 12.40 2.14 -19.19
C GLU H 93 12.16 0.80 -18.51
N ILE H 94 12.15 -0.28 -19.29
CA ILE H 94 11.95 -1.60 -18.70
C ILE H 94 13.10 -1.95 -17.76
N GLN H 95 14.33 -1.62 -18.13
CA GLN H 95 15.46 -1.92 -17.27
C GLN H 95 15.40 -1.14 -15.97
N THR H 96 15.05 0.15 -16.04
CA THR H 96 14.93 0.95 -14.82
C THR H 96 13.80 0.44 -13.94
N ALA H 97 12.67 0.07 -14.55
CA ALA H 97 11.57 -0.49 -13.76
C ALA H 97 11.97 -1.78 -13.08
N VAL H 98 12.71 -2.65 -13.78
CA VAL H 98 13.17 -3.89 -13.18
C VAL H 98 14.10 -3.61 -12.01
N ARG H 99 15.01 -2.64 -12.16
CA ARG H 99 15.90 -2.29 -11.06
C ARG H 99 15.14 -1.68 -9.89
N LEU H 100 14.03 -0.99 -10.16
CA LEU H 100 13.26 -0.41 -9.07
C LEU H 100 12.42 -1.45 -8.33
N LEU H 101 11.86 -2.43 -9.04
CA LEU H 101 10.94 -3.38 -8.40
C LEU H 101 11.69 -4.51 -7.69
N LEU H 102 12.48 -5.28 -8.43
CA LEU H 102 13.03 -6.51 -7.88
C LEU H 102 14.10 -6.22 -6.83
N PRO H 103 14.17 -7.01 -5.76
CA PRO H 103 15.17 -6.77 -4.71
C PRO H 103 16.43 -7.59 -4.84
N GLY H 104 17.58 -6.98 -4.54
CA GLY H 104 18.80 -7.76 -4.34
C GLY H 104 19.37 -8.32 -5.62
N GLU H 105 19.78 -9.59 -5.56
CA GLU H 105 20.50 -10.22 -6.65
C GLU H 105 19.59 -10.61 -7.80
N LEU H 106 18.28 -10.69 -7.52
CA LEU H 106 17.30 -10.94 -8.58
C LEU H 106 17.39 -9.85 -9.64
N ALA H 107 17.59 -8.60 -9.22
CA ALA H 107 17.71 -7.51 -10.19
C ALA H 107 18.92 -7.71 -11.09
N LYS H 108 20.07 -8.08 -10.52
CA LYS H 108 21.27 -8.27 -11.31
C LYS H 108 21.08 -9.40 -12.34
N HIS H 109 20.55 -10.54 -11.88
CA HIS H 109 20.35 -11.65 -12.81
C HIS H 109 19.34 -11.32 -13.90
N ALA H 110 18.22 -10.68 -13.54
CA ALA H 110 17.22 -10.35 -14.54
C ALA H 110 17.77 -9.36 -15.56
N VAL H 111 18.55 -8.38 -15.10
CA VAL H 111 19.15 -7.42 -16.01
C VAL H 111 20.10 -8.11 -16.97
N SER H 112 20.93 -9.02 -16.46
CA SER H 112 21.85 -9.73 -17.33
C SER H 112 21.10 -10.57 -18.38
N GLU H 113 20.05 -11.28 -17.95
CA GLU H 113 19.26 -12.08 -18.90
C GLU H 113 18.63 -11.21 -19.97
N GLY H 114 18.05 -10.08 -19.56
CA GLY H 114 17.40 -9.21 -20.54
C GLY H 114 18.39 -8.63 -21.53
N THR H 115 19.54 -8.19 -21.05
CA THR H 115 20.56 -7.65 -21.97
C THR H 115 21.04 -8.71 -22.94
N LYS H 116 21.27 -9.93 -22.45
CA LYS H 116 21.70 -11.01 -23.33
C LYS H 116 20.65 -11.30 -24.40
N ALA H 117 19.38 -11.36 -24.00
CA ALA H 117 18.32 -11.64 -24.96
C ALA H 117 18.22 -10.55 -26.01
N VAL H 118 18.30 -9.28 -25.61
CA VAL H 118 18.20 -8.19 -26.56
C VAL H 118 19.37 -8.21 -27.53
N THR H 119 20.58 -8.44 -27.02
CA THR H 119 21.75 -8.49 -27.90
C THR H 119 21.64 -9.64 -28.89
N LYS H 120 21.23 -10.82 -28.43
CA LYS H 120 21.08 -11.95 -29.35
C LYS H 120 20.02 -11.67 -30.40
N TYR H 121 18.92 -11.04 -30.01
CA TYR H 121 17.85 -10.73 -30.96
C TYR H 121 18.32 -9.73 -32.01
N THR H 122 19.04 -8.69 -31.60
CA THR H 122 19.44 -7.66 -32.55
C THR H 122 20.67 -8.02 -33.36
N SER H 123 21.42 -9.06 -32.96
CA SER H 123 22.58 -9.47 -33.75
C SER H 123 22.16 -9.95 -35.13
N SER H 124 21.09 -10.73 -35.21
CA SER H 124 20.61 -11.25 -36.49
C SER H 124 19.88 -10.19 -37.28
N ARG K 389 -22.50 19.85 7.71
CA ARG K 389 -21.46 19.80 6.69
C ARG K 389 -21.31 21.16 6.03
N SER K 390 -21.40 21.20 4.70
CA SER K 390 -21.27 22.44 3.95
C SER K 390 -22.05 22.34 2.66
N ARG K 391 -22.34 23.51 2.08
CA ARG K 391 -23.08 23.68 0.82
C ARG K 391 -24.21 22.66 0.67
N THR K 392 -25.11 22.69 1.66
CA THR K 392 -26.28 21.81 1.64
C THR K 392 -27.43 22.48 0.88
N ARG L 389 22.80 -18.26 -7.77
CA ARG L 389 21.44 -18.75 -7.97
C ARG L 389 21.35 -19.57 -9.26
N SER L 390 20.32 -19.31 -10.05
CA SER L 390 20.14 -19.95 -11.34
C SER L 390 20.83 -19.12 -12.41
N ARG L 391 20.48 -19.38 -13.68
CA ARG L 391 21.11 -18.79 -14.86
C ARG L 391 21.53 -17.34 -14.66
N THR L 392 22.79 -17.04 -14.97
CA THR L 392 23.36 -15.72 -14.72
C THR L 392 22.97 -14.72 -15.79
#